data_5K83
#
_entry.id   5K83
#
_cell.length_a   105.720
_cell.length_b   83.311
_cell.length_c   105.754
_cell.angle_alpha   90.000
_cell.angle_beta   120.000
_cell.angle_gamma   90.000
#
_symmetry.space_group_name_H-M   'P 1 21 1'
#
loop_
_entity.id
_entity.type
_entity.pdbx_description
1 polymer 'Apolipoprotein B mRNA editing enzyme, catalytic peptide-like 3G,Apolipoprotein B mRNA editing enzyme, catalytic peptide-like 3G'
2 polymer "DNA (5'-D(*TP*TP*TP*TP*TP*TP*TP*TP*TP*T)-3')"
3 non-polymer 'ZINC ION'
4 water water
#
loop_
_entity_poly.entity_id
_entity_poly.type
_entity_poly.pdbx_seq_one_letter_code
_entity_poly.pdbx_strand_id
1 'polypeptide(L)'
;GPAGSMKPQIRNMVEPMDPRTFVSNFNNRPILSGLDTVWLCCEVKTKDPSGPPLDAKIFQGKVYPKAKYHPEMRFLRWFH
KWRQLHHDQEYKVTWYVSWSPCTRCANSVATFLAKDPKVTLTIFVARLYYFWKPDYQQALRILAEAGATMKIMNYNEFQD
CWNKFVDGRGKPFKPWNNLPKHYTLLQATLGELLRH
;
D,C,F,E,B,A
2 'polydeoxyribonucleotide' (DT)(DT)(DT)(DT)(DT)(DT)(DT)(DT)(DT)(DT) I,J,H
#
loop_
_chem_comp.id
_chem_comp.type
_chem_comp.name
_chem_comp.formula
DT DNA linking THYMIDINE-5'-MONOPHOSPHATE 'C10 H15 N2 O8 P'
ZN non-polymer 'ZINC ION' 'Zn 2'
#
# COMPACT_ATOMS: atom_id res chain seq x y z
N ASN A 12 -3.61 16.74 -32.40
CA ASN A 12 -3.80 15.87 -31.24
C ASN A 12 -4.44 14.53 -31.61
N MET A 13 -3.95 13.91 -32.70
CA MET A 13 -4.45 12.60 -33.09
C MET A 13 -3.85 11.50 -32.24
N VAL A 14 -4.65 11.05 -31.26
CA VAL A 14 -4.33 9.85 -30.51
C VAL A 14 -5.28 8.80 -31.02
N GLU A 15 -4.96 7.54 -30.80
CA GLU A 15 -5.96 6.52 -30.95
C GLU A 15 -6.73 6.50 -29.63
N PRO A 16 -7.88 7.18 -29.57
CA PRO A 16 -8.54 7.47 -28.30
C PRO A 16 -9.11 6.23 -27.65
N MET A 17 -9.38 6.29 -26.36
CA MET A 17 -9.99 5.17 -25.70
C MET A 17 -11.51 5.31 -25.74
N ASP A 18 -12.17 4.16 -25.61
CA ASP A 18 -13.63 4.10 -25.56
C ASP A 18 -14.18 4.76 -24.30
N PRO A 19 -15.26 5.55 -24.43
CA PRO A 19 -16.00 6.13 -23.31
C PRO A 19 -16.17 5.18 -22.10
N ARG A 20 -16.57 3.95 -22.38
CA ARG A 20 -16.82 2.97 -21.33
C ARG A 20 -15.53 2.46 -20.69
N THR A 21 -14.44 2.54 -21.44
CA THR A 21 -13.17 2.19 -20.88
C THR A 21 -12.75 3.31 -19.91
N PHE A 22 -13.06 4.55 -20.29
CA PHE A 22 -12.69 5.69 -19.46
C PHE A 22 -13.45 5.72 -18.14
N VAL A 23 -14.78 5.68 -18.27
CA VAL A 23 -15.70 5.83 -17.17
C VAL A 23 -15.48 4.74 -16.13
N SER A 24 -15.06 3.59 -16.62
CA SER A 24 -14.88 2.45 -15.75
C SER A 24 -13.48 2.44 -15.11
N ASN A 25 -12.45 2.83 -15.85
CA ASN A 25 -11.09 2.85 -15.30
C ASN A 25 -10.67 4.15 -14.60
N PHE A 26 -11.38 5.26 -14.79
CA PHE A 26 -10.97 6.50 -14.17
C PHE A 26 -11.96 6.90 -13.07
N ASN A 27 -12.93 6.01 -12.82
CA ASN A 27 -13.81 6.14 -11.67
C ASN A 27 -12.95 6.30 -10.41
N ASN A 28 -13.28 7.25 -9.54
CA ASN A 28 -12.33 7.54 -8.47
C ASN A 28 -12.77 7.09 -7.07
N ARG A 29 -13.65 6.12 -6.98
CA ARG A 29 -13.82 5.41 -5.72
C ARG A 29 -12.46 4.93 -5.24
N PRO A 30 -12.12 5.24 -3.99
CA PRO A 30 -10.78 4.98 -3.43
C PRO A 30 -10.51 3.51 -3.23
N ILE A 31 -11.56 2.77 -2.92
CA ILE A 31 -11.43 1.35 -2.65
C ILE A 31 -12.26 0.64 -3.70
N LEU A 32 -11.56 -0.09 -4.55
CA LEU A 32 -12.14 -0.52 -5.81
C LEU A 32 -11.63 -1.90 -6.12
N SER A 33 -12.51 -2.77 -6.61
CA SER A 33 -12.07 -4.10 -7.01
C SER A 33 -12.41 -4.37 -8.47
N GLY A 34 -11.68 -5.31 -9.08
CA GLY A 34 -11.94 -5.70 -10.45
C GLY A 34 -11.38 -4.76 -11.49
N LEU A 35 -10.38 -3.96 -11.11
CA LEU A 35 -9.68 -3.11 -12.06
C LEU A 35 -8.23 -3.49 -12.09
N ASP A 36 -7.91 -4.48 -12.90
CA ASP A 36 -6.57 -5.03 -12.98
C ASP A 36 -5.67 -4.23 -13.91
N THR A 37 -6.26 -3.31 -14.65
CA THR A 37 -5.50 -2.57 -15.65
C THR A 37 -5.18 -1.15 -15.18
N VAL A 38 -3.92 -0.77 -15.34
CA VAL A 38 -3.49 0.62 -15.25
C VAL A 38 -3.57 1.28 -16.62
N TRP A 39 -4.17 2.46 -16.67
CA TRP A 39 -4.24 3.29 -17.85
C TRP A 39 -3.46 4.56 -17.67
N LEU A 40 -2.65 4.89 -18.66
CA LEU A 40 -1.82 6.07 -18.62
C LEU A 40 -2.01 6.89 -19.89
N CYS A 41 -2.54 8.11 -19.74
CA CYS A 41 -2.64 9.02 -20.86
C CYS A 41 -1.55 10.06 -20.71
N CYS A 42 -0.72 10.26 -21.73
CA CYS A 42 0.36 11.22 -21.56
C CYS A 42 0.40 12.29 -22.66
N GLU A 43 0.97 13.43 -22.29
CA GLU A 43 1.05 14.58 -23.18
C GLU A 43 2.45 15.17 -23.03
N VAL A 44 3.07 15.52 -24.15
CA VAL A 44 4.38 16.15 -24.10
C VAL A 44 4.30 17.57 -24.67
N LYS A 45 4.97 18.50 -23.99
CA LYS A 45 5.02 19.88 -24.45
C LYS A 45 6.42 20.45 -24.26
N THR A 46 6.63 21.65 -24.76
CA THR A 46 7.86 22.38 -24.47
C THR A 46 7.59 23.12 -23.17
N LYS A 47 8.66 23.49 -22.44
CA LYS A 47 8.50 24.20 -21.17
C LYS A 47 7.72 25.51 -21.37
N ASP A 48 7.67 25.95 -22.63
CA ASP A 48 6.77 26.99 -23.09
C ASP A 48 5.32 26.68 -22.68
N PRO A 49 4.74 27.49 -21.78
CA PRO A 49 3.35 27.30 -21.35
C PRO A 49 2.33 27.52 -22.46
N SER A 50 2.75 28.12 -23.58
CA SER A 50 1.88 28.36 -24.72
C SER A 50 2.00 27.24 -25.76
N GLY A 51 3.20 26.66 -25.85
CA GLY A 51 3.51 25.63 -26.83
C GLY A 51 2.54 24.47 -26.86
N PRO A 52 1.94 24.22 -28.03
CA PRO A 52 0.89 23.20 -28.25
C PRO A 52 1.40 21.80 -27.92
N PRO A 53 0.48 20.82 -27.81
CA PRO A 53 0.92 19.44 -27.54
C PRO A 53 1.82 18.92 -28.65
N LEU A 54 3.05 18.55 -28.30
CA LEU A 54 3.98 17.97 -29.25
C LEU A 54 3.45 16.62 -29.71
N ASP A 55 3.33 15.69 -28.77
CA ASP A 55 2.72 14.40 -29.04
C ASP A 55 1.84 13.97 -27.86
N ALA A 56 1.15 12.85 -27.99
CA ALA A 56 0.25 12.38 -26.96
C ALA A 56 0.00 10.90 -27.15
N LYS A 57 0.20 10.12 -26.10
CA LYS A 57 -0.05 8.69 -26.23
C LYS A 57 -0.80 8.09 -25.05
N ILE A 58 -1.32 6.89 -25.29
CA ILE A 58 -2.10 6.15 -24.33
C ILE A 58 -1.48 4.80 -24.14
N PHE A 59 -1.12 4.45 -22.91
CA PHE A 59 -0.60 3.11 -22.63
C PHE A 59 -1.47 2.39 -21.63
N GLN A 60 -1.59 1.08 -21.82
CA GLN A 60 -2.24 0.23 -20.85
C GLN A 60 -1.32 -0.91 -20.44
N GLY A 61 -1.55 -1.46 -19.26
CA GLY A 61 -0.79 -2.59 -18.76
C GLY A 61 -1.48 -3.17 -17.55
N LYS A 62 -1.61 -4.49 -17.52
CA LYS A 62 -2.12 -5.19 -16.34
C LYS A 62 -1.18 -4.92 -15.17
N VAL A 63 -1.74 -4.67 -13.98
CA VAL A 63 -0.90 -4.37 -12.81
C VAL A 63 -0.26 -5.65 -12.23
N TYR A 64 -0.44 -6.75 -12.95
CA TYR A 64 -0.02 -8.09 -12.55
C TYR A 64 1.51 -8.20 -12.85
N PRO A 65 2.12 -9.43 -12.96
CA PRO A 65 3.51 -9.51 -12.48
C PRO A 65 4.54 -8.54 -13.12
N LYS A 66 4.85 -8.71 -14.40
CA LYS A 66 5.96 -8.02 -15.04
C LYS A 66 5.67 -6.54 -14.77
N ALA A 67 6.57 -5.88 -14.06
CA ALA A 67 6.47 -4.46 -13.77
C ALA A 67 7.06 -3.75 -14.98
N LYS A 68 7.74 -4.51 -15.85
CA LYS A 68 8.28 -3.96 -17.08
C LYS A 68 7.19 -3.73 -18.12
N TYR A 69 6.08 -4.41 -17.96
CA TYR A 69 4.92 -4.20 -18.83
C TYR A 69 3.86 -3.30 -18.19
N HIS A 70 4.28 -2.54 -17.17
CA HIS A 70 3.48 -1.44 -16.64
C HIS A 70 3.61 -0.23 -17.55
N PRO A 71 2.50 0.49 -17.77
CA PRO A 71 2.48 1.60 -18.72
C PRO A 71 3.51 2.68 -18.42
N GLU A 72 3.96 2.78 -17.17
CA GLU A 72 5.03 3.72 -16.84
C GLU A 72 6.33 3.33 -17.58
N MET A 73 6.66 2.04 -17.57
CA MET A 73 7.86 1.55 -18.24
C MET A 73 7.77 1.76 -19.75
N ARG A 74 6.67 1.27 -20.34
CA ARG A 74 6.39 1.48 -21.75
C ARG A 74 6.53 2.96 -22.12
N PHE A 75 6.10 3.86 -21.22
CA PHE A 75 6.22 5.28 -21.53
C PHE A 75 7.67 5.68 -21.64
N LEU A 76 8.50 5.10 -20.78
CA LEU A 76 9.89 5.51 -20.68
C LEU A 76 10.66 5.21 -21.96
N ARG A 77 10.54 3.97 -22.43
CA ARG A 77 11.12 3.55 -23.69
C ARG A 77 10.63 4.41 -24.84
N TRP A 78 9.30 4.57 -24.92
CA TRP A 78 8.73 5.34 -26.01
C TRP A 78 9.29 6.74 -26.00
N PHE A 79 9.46 7.29 -24.81
CA PHE A 79 9.92 8.66 -24.67
C PHE A 79 11.40 8.76 -25.01
N HIS A 80 12.12 7.64 -24.87
CA HIS A 80 13.53 7.66 -25.21
C HIS A 80 13.71 7.76 -26.73
N LYS A 81 13.10 6.83 -27.45
CA LYS A 81 13.12 6.86 -28.91
C LYS A 81 12.56 8.18 -29.42
N TRP A 82 11.52 8.68 -28.78
CA TRP A 82 10.93 9.95 -29.17
C TRP A 82 11.92 11.09 -28.96
N ARG A 83 12.71 11.00 -27.88
CA ARG A 83 13.69 12.02 -27.53
C ARG A 83 14.99 11.93 -28.34
N GLN A 84 15.02 10.98 -29.28
CA GLN A 84 16.12 10.88 -30.22
C GLN A 84 15.66 11.46 -31.55
N LEU A 85 14.49 11.01 -32.00
CA LEU A 85 13.86 11.50 -33.23
C LEU A 85 13.77 13.01 -33.25
N HIS A 86 13.77 13.61 -32.06
CA HIS A 86 13.66 15.06 -31.96
C HIS A 86 14.73 15.65 -31.06
N HIS A 87 14.66 16.98 -30.93
CA HIS A 87 15.77 17.82 -30.48
C HIS A 87 15.90 17.96 -28.97
N ASP A 88 17.12 18.17 -28.51
CA ASP A 88 17.36 18.45 -27.10
C ASP A 88 16.75 19.80 -26.71
N GLN A 89 15.73 19.76 -25.85
CA GLN A 89 15.10 20.98 -25.35
C GLN A 89 14.36 20.70 -24.04
N GLU A 90 13.65 21.69 -23.51
CA GLU A 90 12.95 21.55 -22.23
C GLU A 90 11.52 21.04 -22.37
N TYR A 91 11.25 19.90 -21.75
CA TYR A 91 9.98 19.19 -21.90
C TYR A 91 9.11 19.16 -20.65
N LYS A 92 7.85 19.60 -20.79
CA LYS A 92 6.84 19.41 -19.77
C LYS A 92 5.97 18.19 -20.08
N VAL A 93 6.27 17.06 -19.45
CA VAL A 93 5.39 15.90 -19.55
C VAL A 93 4.25 15.96 -18.53
N THR A 94 3.01 15.68 -18.97
CA THR A 94 1.92 15.46 -18.04
C THR A 94 1.32 14.06 -18.19
N TRP A 95 1.01 13.42 -17.06
CA TRP A 95 0.35 12.11 -17.01
C TRP A 95 -1.06 12.14 -16.38
N TYR A 96 -2.00 11.41 -16.95
CA TYR A 96 -3.26 11.08 -16.31
C TYR A 96 -3.29 9.58 -16.16
N VAL A 97 -3.19 9.09 -14.94
CA VAL A 97 -3.02 7.70 -14.75
C VAL A 97 -4.12 7.19 -13.81
N SER A 98 -4.60 5.98 -14.06
CA SER A 98 -5.79 5.50 -13.36
C SER A 98 -5.47 4.97 -11.95
N TRP A 99 -4.33 4.30 -11.82
CA TRP A 99 -3.71 3.95 -10.53
C TRP A 99 -2.38 4.67 -10.39
N SER A 100 -2.04 5.08 -9.17
CA SER A 100 -0.72 5.62 -8.85
C SER A 100 0.36 4.54 -9.04
N PRO A 101 1.62 4.95 -9.26
CA PRO A 101 2.70 4.02 -9.61
C PRO A 101 3.05 3.00 -8.52
N CYS A 102 3.30 1.75 -8.94
CA CYS A 102 3.84 0.77 -8.01
C CYS A 102 5.25 1.22 -7.61
N THR A 103 5.80 0.63 -6.57
CA THR A 103 7.09 1.09 -6.08
C THR A 103 8.21 0.90 -7.12
N ARG A 104 8.15 -0.18 -7.90
CA ARG A 104 9.17 -0.44 -8.92
C ARG A 104 9.20 0.62 -10.04
N CYS A 105 8.03 1.07 -10.49
CA CYS A 105 7.97 2.12 -11.51
C CYS A 105 8.39 3.46 -10.93
N ALA A 106 8.07 3.67 -9.66
CA ALA A 106 8.49 4.90 -8.97
C ALA A 106 10.00 5.07 -9.05
N ASN A 107 10.75 4.04 -8.65
CA ASN A 107 12.21 4.04 -8.80
C ASN A 107 12.66 4.42 -10.20
N SER A 108 12.13 3.71 -11.20
CA SER A 108 12.54 3.88 -12.59
C SER A 108 12.26 5.29 -13.07
N VAL A 109 11.11 5.84 -12.68
CA VAL A 109 10.73 7.17 -13.10
C VAL A 109 11.58 8.21 -12.37
N ALA A 110 11.83 7.95 -11.09
CA ALA A 110 12.69 8.80 -10.28
C ALA A 110 14.07 8.92 -10.91
N THR A 111 14.69 7.75 -11.10
CA THR A 111 15.99 7.68 -11.76
C THR A 111 16.02 8.51 -13.03
N PHE A 112 15.04 8.27 -13.91
CA PHE A 112 14.93 8.97 -15.18
C PHE A 112 14.99 10.48 -15.01
N LEU A 113 14.09 11.01 -14.17
CA LEU A 113 14.00 12.44 -13.97
C LEU A 113 15.30 13.02 -13.42
N ALA A 114 15.99 12.23 -12.62
CA ALA A 114 17.28 12.64 -12.07
C ALA A 114 18.27 12.88 -13.22
N LYS A 115 18.49 11.85 -14.02
CA LYS A 115 19.42 11.94 -15.13
C LYS A 115 19.05 13.04 -16.13
N ASP A 116 17.79 13.12 -16.54
CA ASP A 116 17.38 14.16 -17.49
C ASP A 116 16.64 15.30 -16.79
N PRO A 117 17.35 16.39 -16.46
CA PRO A 117 16.79 17.50 -15.67
C PRO A 117 16.06 18.56 -16.50
N LYS A 118 16.06 18.43 -17.82
CA LYS A 118 15.36 19.41 -18.65
C LYS A 118 13.96 18.90 -19.01
N VAL A 119 13.49 17.90 -18.27
CA VAL A 119 12.10 17.45 -18.38
C VAL A 119 11.40 17.45 -17.01
N THR A 120 10.26 18.13 -16.93
CA THR A 120 9.48 18.17 -15.70
C THR A 120 8.15 17.39 -15.82
N LEU A 121 8.04 16.33 -15.02
CA LEU A 121 6.88 15.45 -15.00
C LEU A 121 5.81 15.88 -13.98
N THR A 122 4.55 15.89 -14.43
CA THR A 122 3.41 16.14 -13.56
C THR A 122 2.45 14.95 -13.66
N ILE A 123 2.31 14.19 -12.59
CA ILE A 123 1.44 13.02 -12.55
C ILE A 123 0.09 13.30 -11.85
N PHE A 124 -0.99 13.25 -12.62
CA PHE A 124 -2.34 13.28 -12.12
C PHE A 124 -2.87 11.85 -11.98
N VAL A 125 -3.49 11.58 -10.84
CA VAL A 125 -3.81 10.24 -10.41
C VAL A 125 -5.30 10.11 -10.11
N ALA A 126 -5.98 9.11 -10.65
CA ALA A 126 -7.41 9.01 -10.33
C ALA A 126 -7.61 8.33 -8.97
N ARG A 127 -6.79 7.31 -8.72
CA ARG A 127 -6.84 6.53 -7.50
C ARG A 127 -5.46 6.27 -6.97
N LEU A 128 -5.31 6.22 -5.65
CA LEU A 128 -4.04 5.81 -5.05
C LEU A 128 -3.96 4.28 -4.93
N TYR A 129 -2.92 3.70 -5.52
CA TYR A 129 -2.72 2.25 -5.46
C TYR A 129 -2.12 1.79 -4.11
N TYR A 130 -2.86 0.93 -3.40
CA TYR A 130 -2.45 0.43 -2.09
C TYR A 130 -2.00 1.54 -1.13
N PHE A 131 -2.82 2.58 -0.96
CA PHE A 131 -2.44 3.75 -0.15
C PHE A 131 -2.27 3.40 1.32
N TRP A 132 -2.85 2.29 1.75
CA TRP A 132 -2.70 1.85 3.13
C TRP A 132 -1.45 0.96 3.36
N LYS A 133 -0.68 0.70 2.31
CA LYS A 133 0.51 -0.14 2.44
C LYS A 133 1.78 0.70 2.41
N PRO A 134 2.63 0.56 3.44
CA PRO A 134 3.85 1.37 3.59
C PRO A 134 4.77 1.36 2.37
N ASP A 135 4.82 0.23 1.68
CA ASP A 135 5.72 0.12 0.54
C ASP A 135 5.29 0.99 -0.62
N TYR A 136 3.98 1.07 -0.84
CA TYR A 136 3.45 1.87 -1.94
C TYR A 136 3.30 3.34 -1.54
N GLN A 137 3.28 3.61 -0.24
CA GLN A 137 3.32 4.98 0.24
C GLN A 137 4.67 5.60 -0.08
N GLN A 138 5.72 4.79 0.05
CA GLN A 138 7.08 5.23 -0.24
C GLN A 138 7.28 5.61 -1.71
N ALA A 139 6.56 4.93 -2.59
CA ALA A 139 6.63 5.20 -4.03
C ALA A 139 6.34 6.66 -4.32
N LEU A 140 5.34 7.21 -3.66
CA LEU A 140 4.95 8.57 -3.95
C LEU A 140 6.01 9.51 -3.44
N ARG A 141 6.61 9.16 -2.30
CA ARG A 141 7.66 9.96 -1.68
C ARG A 141 8.90 10.00 -2.58
N ILE A 142 9.29 8.83 -3.09
CA ILE A 142 10.35 8.72 -4.09
C ILE A 142 10.12 9.63 -5.30
N LEU A 143 8.95 9.51 -5.93
CA LEU A 143 8.61 10.35 -7.08
C LEU A 143 8.65 11.84 -6.77
N ALA A 144 8.16 12.21 -5.60
CA ALA A 144 8.14 13.60 -5.19
C ALA A 144 9.55 14.14 -4.96
N GLU A 145 10.41 13.32 -4.35
CA GLU A 145 11.82 13.68 -4.15
C GLU A 145 12.46 13.99 -5.50
N ALA A 146 12.19 13.14 -6.50
CA ALA A 146 12.80 13.29 -7.83
C ALA A 146 12.27 14.49 -8.59
N GLY A 147 11.32 15.21 -8.01
CA GLY A 147 10.81 16.42 -8.63
C GLY A 147 9.48 16.32 -9.37
N ALA A 148 8.94 15.11 -9.47
CA ALA A 148 7.62 14.91 -10.05
C ALA A 148 6.53 15.55 -9.19
N THR A 149 5.65 16.31 -9.82
CA THR A 149 4.47 16.82 -9.16
C THR A 149 3.37 15.75 -9.15
N MET A 150 2.86 15.47 -7.95
CA MET A 150 1.82 14.46 -7.73
C MET A 150 0.53 15.16 -7.36
N LYS A 151 -0.55 14.79 -8.01
CA LYS A 151 -1.84 15.41 -7.74
C LYS A 151 -2.90 14.38 -8.00
N ILE A 152 -4.00 14.48 -7.25
CA ILE A 152 -5.18 13.66 -7.49
C ILE A 152 -6.01 14.34 -8.56
N MET A 153 -6.53 13.56 -9.51
CA MET A 153 -7.42 14.11 -10.53
C MET A 153 -8.70 14.62 -9.91
N ASN A 154 -9.01 15.89 -10.17
CA ASN A 154 -10.31 16.49 -9.84
C ASN A 154 -11.11 16.68 -11.13
N TYR A 155 -12.35 17.12 -11.00
CA TYR A 155 -13.24 17.37 -12.13
C TYR A 155 -12.54 17.89 -13.39
N ASN A 156 -11.78 18.98 -13.24
CA ASN A 156 -11.12 19.57 -14.38
C ASN A 156 -10.16 18.61 -15.08
N GLU A 157 -9.51 17.72 -14.31
CA GLU A 157 -8.53 16.84 -14.93
C GLU A 157 -9.25 15.69 -15.62
N PHE A 158 -10.38 15.26 -15.07
CA PHE A 158 -11.15 14.19 -15.66
C PHE A 158 -11.71 14.69 -16.97
N GLN A 159 -12.09 15.97 -16.96
CA GLN A 159 -12.68 16.61 -18.13
C GLN A 159 -11.65 16.83 -19.21
N ASP A 160 -10.45 17.23 -18.82
CA ASP A 160 -9.41 17.42 -19.83
C ASP A 160 -8.99 16.07 -20.47
N CYS A 161 -8.93 15.03 -19.65
CA CYS A 161 -8.56 13.71 -20.11
C CYS A 161 -9.62 13.17 -21.06
N TRP A 162 -10.88 13.37 -20.71
CA TRP A 162 -12.01 13.05 -21.55
C TRP A 162 -11.89 13.73 -22.93
N ASN A 163 -11.79 15.06 -22.94
CA ASN A 163 -11.64 15.84 -24.18
C ASN A 163 -10.49 15.39 -25.07
N LYS A 164 -9.35 15.10 -24.46
CA LYS A 164 -8.13 14.83 -25.20
C LYS A 164 -7.88 13.35 -25.55
N PHE A 165 -8.43 12.42 -24.77
CA PHE A 165 -8.01 11.03 -24.88
C PHE A 165 -9.15 10.05 -25.07
N VAL A 166 -10.37 10.55 -25.10
CA VAL A 166 -11.51 9.65 -25.14
C VAL A 166 -12.31 9.97 -26.39
N ASP A 167 -12.94 8.96 -27.00
CA ASP A 167 -13.79 9.22 -28.14
C ASP A 167 -15.20 9.58 -27.71
N GLY A 168 -15.38 10.83 -27.26
CA GLY A 168 -16.68 11.27 -26.77
C GLY A 168 -17.53 12.05 -27.77
N ARG A 169 -17.12 12.08 -29.03
CA ARG A 169 -17.94 12.61 -30.12
C ARG A 169 -18.58 13.94 -29.81
N GLY A 170 -17.79 14.86 -29.24
CA GLY A 170 -18.28 16.17 -28.88
C GLY A 170 -19.04 16.23 -27.56
N LYS A 171 -19.68 15.13 -27.17
CA LYS A 171 -20.46 15.08 -25.93
C LYS A 171 -19.62 15.54 -24.72
N PRO A 172 -20.25 16.23 -23.75
CA PRO A 172 -19.46 16.80 -22.65
C PRO A 172 -19.00 15.72 -21.68
N PHE A 173 -17.93 15.98 -20.94
CA PHE A 173 -17.62 15.10 -19.81
C PHE A 173 -18.76 15.18 -18.80
N LYS A 174 -19.28 14.03 -18.39
CA LYS A 174 -20.31 13.97 -17.36
C LYS A 174 -19.75 13.31 -16.09
N PRO A 175 -19.85 14.01 -14.93
CA PRO A 175 -19.33 13.48 -13.67
C PRO A 175 -20.19 12.36 -13.07
N TRP A 176 -19.53 11.28 -12.65
CA TRP A 176 -20.19 10.23 -11.89
C TRP A 176 -20.51 10.67 -10.46
N ASN A 177 -21.30 9.84 -9.79
CA ASN A 177 -21.66 10.05 -8.39
C ASN A 177 -20.43 10.23 -7.53
N ASN A 178 -20.42 11.27 -6.71
CA ASN A 178 -19.47 11.37 -5.63
C ASN A 178 -18.05 11.67 -6.04
N LEU A 179 -17.86 12.11 -7.29
CA LEU A 179 -16.53 12.48 -7.76
C LEU A 179 -15.80 13.45 -6.79
N PRO A 180 -16.41 14.59 -6.42
CA PRO A 180 -15.67 15.48 -5.49
C PRO A 180 -15.48 14.90 -4.08
N LYS A 181 -16.38 14.02 -3.64
CA LYS A 181 -16.24 13.46 -2.30
C LYS A 181 -15.04 12.52 -2.27
N HIS A 182 -14.91 11.69 -3.30
CA HIS A 182 -13.78 10.78 -3.41
C HIS A 182 -12.50 11.58 -3.53
N TYR A 183 -12.58 12.67 -4.31
CA TYR A 183 -11.45 13.57 -4.48
C TYR A 183 -10.90 14.05 -3.14
N THR A 184 -11.80 14.56 -2.29
CA THR A 184 -11.40 15.06 -0.98
C THR A 184 -10.66 14.03 -0.15
N LEU A 185 -11.19 12.82 -0.08
CA LEU A 185 -10.49 11.72 0.58
C LEU A 185 -9.10 11.47 0.03
N LEU A 186 -9.00 11.38 -1.31
CA LEU A 186 -7.73 11.00 -1.94
C LEU A 186 -6.67 12.10 -1.84
N GLN A 187 -7.11 13.35 -2.02
CA GLN A 187 -6.19 14.48 -2.00
C GLN A 187 -5.59 14.66 -0.60
N ALA A 188 -6.43 14.53 0.43
CA ALA A 188 -5.96 14.58 1.82
C ALA A 188 -4.97 13.45 2.10
N THR A 189 -5.31 12.25 1.63
CA THR A 189 -4.43 11.11 1.81
C THR A 189 -3.09 11.34 1.12
N LEU A 190 -3.10 11.84 -0.11
CA LEU A 190 -1.86 12.13 -0.81
C LEU A 190 -1.05 13.15 0.00
N GLY A 191 -1.70 14.23 0.41
CA GLY A 191 -1.06 15.26 1.21
C GLY A 191 -0.47 14.69 2.48
N GLU A 192 -1.21 13.83 3.16
CA GLU A 192 -0.70 13.16 4.35
C GLU A 192 0.55 12.31 4.04
N LEU A 193 0.52 11.56 2.94
CA LEU A 193 1.66 10.69 2.63
C LEU A 193 2.93 11.45 2.20
N LEU A 194 2.79 12.68 1.72
CA LEU A 194 3.94 13.49 1.29
C LEU A 194 4.37 14.55 2.34
N ARG A 195 3.73 14.54 3.50
CA ARG A 195 4.10 15.46 4.57
C ARG A 195 5.50 15.15 5.12
N HIS A 196 6.24 16.21 5.46
CA HIS A 196 7.56 16.10 6.09
C HIS A 196 8.52 15.24 5.29
N MET B 6 -11.92 -11.01 38.79
CA MET B 6 -12.34 -10.43 40.06
C MET B 6 -11.82 -9.00 40.25
N LYS B 7 -11.81 -8.23 39.16
CA LYS B 7 -11.41 -6.82 39.16
C LYS B 7 -12.53 -5.95 38.53
N PRO B 8 -12.59 -4.65 38.87
CA PRO B 8 -13.64 -3.78 38.31
C PRO B 8 -13.50 -3.48 36.80
N GLN B 9 -14.32 -4.13 35.98
CA GLN B 9 -14.33 -3.90 34.54
C GLN B 9 -15.38 -2.87 34.11
N ILE B 10 -15.04 -2.14 33.05
CA ILE B 10 -15.90 -1.09 32.50
C ILE B 10 -17.19 -1.67 31.93
N ARG B 11 -17.09 -2.89 31.45
CA ARG B 11 -18.23 -3.64 30.96
C ARG B 11 -19.34 -3.75 32.00
N ASN B 12 -18.95 -3.81 33.28
CA ASN B 12 -19.92 -3.93 34.35
C ASN B 12 -20.60 -2.60 34.67
N MET B 13 -20.02 -1.49 34.19
CA MET B 13 -20.55 -0.18 34.51
C MET B 13 -21.53 0.35 33.49
N VAL B 14 -21.79 -0.42 32.44
CA VAL B 14 -22.66 0.06 31.37
C VAL B 14 -23.72 -0.94 30.97
N GLU B 15 -24.71 -0.48 30.21
CA GLU B 15 -25.62 -1.35 29.48
C GLU B 15 -25.06 -1.54 28.08
N PRO B 16 -24.34 -2.66 27.86
CA PRO B 16 -23.54 -2.91 26.64
C PRO B 16 -24.39 -3.10 25.40
N MET B 17 -23.89 -2.71 24.23
CA MET B 17 -24.67 -2.79 23.01
C MET B 17 -24.49 -4.12 22.29
N ASP B 18 -25.47 -4.45 21.44
CA ASP B 18 -25.37 -5.56 20.48
C ASP B 18 -24.13 -5.39 19.65
N PRO B 19 -23.48 -6.51 19.30
CA PRO B 19 -22.43 -6.53 18.28
C PRO B 19 -22.92 -5.88 17.01
N ARG B 20 -24.18 -6.15 16.68
CA ARG B 20 -24.82 -5.63 15.49
C ARG B 20 -24.98 -4.09 15.53
N THR B 21 -25.36 -3.55 16.68
CA THR B 21 -25.47 -2.10 16.84
C THR B 21 -24.08 -1.46 16.70
N PHE B 22 -23.06 -2.22 17.14
CA PHE B 22 -21.69 -1.74 17.13
C PHE B 22 -21.12 -1.63 15.70
N VAL B 23 -21.23 -2.69 14.90
CA VAL B 23 -20.52 -2.74 13.62
C VAL B 23 -21.35 -2.51 12.37
N SER B 24 -22.67 -2.45 12.48
CA SER B 24 -23.50 -2.46 11.27
C SER B 24 -23.27 -1.22 10.37
N ASN B 25 -22.73 -0.14 10.94
CA ASN B 25 -22.48 1.04 10.12
C ASN B 25 -21.22 0.94 9.24
N PHE B 26 -20.31 0.03 9.59
CA PHE B 26 -18.99 0.03 9.00
C PHE B 26 -18.69 -1.23 8.22
N ASN B 27 -19.18 -2.34 8.77
CA ASN B 27 -18.93 -3.68 8.24
C ASN B 27 -19.42 -3.82 6.80
N ASN B 28 -18.47 -4.04 5.89
CA ASN B 28 -18.76 -4.16 4.46
C ASN B 28 -19.67 -3.02 3.96
N ARG B 29 -19.24 -1.79 4.21
CA ARG B 29 -19.99 -0.62 3.77
C ARG B 29 -19.04 0.57 3.49
N PRO B 30 -19.09 1.10 2.25
CA PRO B 30 -18.20 2.21 1.85
C PRO B 30 -18.40 3.47 2.71
N ILE B 31 -17.32 4.24 2.85
CA ILE B 31 -17.30 5.45 3.68
C ILE B 31 -18.51 6.36 3.44
N LEU B 32 -18.91 6.47 2.19
CA LEU B 32 -20.06 7.30 1.81
C LEU B 32 -21.38 6.52 1.87
N SER B 33 -21.76 6.10 3.07
CA SER B 33 -22.99 5.32 3.23
C SER B 33 -23.98 6.01 4.14
N GLY B 34 -25.16 5.38 4.24
CA GLY B 34 -26.17 5.77 5.20
C GLY B 34 -25.88 5.03 6.49
N LEU B 35 -26.63 5.34 7.53
CA LEU B 35 -26.32 4.86 8.87
C LEU B 35 -27.51 4.06 9.43
N ASP B 36 -27.24 3.05 10.26
CA ASP B 36 -28.30 2.31 10.97
C ASP B 36 -28.46 2.80 12.42
N THR B 37 -27.33 3.02 13.10
CA THR B 37 -27.31 3.43 14.49
C THR B 37 -26.38 4.61 14.70
N VAL B 38 -26.52 5.26 15.84
CA VAL B 38 -25.57 6.26 16.29
C VAL B 38 -25.19 5.88 17.71
N TRP B 39 -23.90 5.91 18.04
CA TRP B 39 -23.54 5.70 19.43
C TRP B 39 -22.36 6.52 19.87
N LEU B 40 -22.30 6.69 21.18
CA LEU B 40 -21.22 7.38 21.85
C LEU B 40 -20.94 6.60 23.12
N CYS B 41 -19.78 5.97 23.17
CA CYS B 41 -19.31 5.32 24.38
C CYS B 41 -18.34 6.25 25.07
N CYS B 42 -18.60 6.56 26.34
CA CYS B 42 -17.69 7.46 27.03
C CYS B 42 -17.08 6.84 28.28
N GLU B 43 -15.94 7.38 28.65
CA GLU B 43 -15.20 6.87 29.79
C GLU B 43 -14.66 8.07 30.54
N VAL B 44 -14.77 8.04 31.87
CA VAL B 44 -14.21 9.10 32.72
C VAL B 44 -13.06 8.61 33.59
N LYS B 45 -11.99 9.39 33.61
CA LYS B 45 -10.83 9.07 34.41
C LYS B 45 -10.32 10.32 35.09
N THR B 46 -9.38 10.13 36.01
CA THR B 46 -8.68 11.23 36.66
C THR B 46 -7.42 11.59 35.89
N LYS B 47 -6.78 12.68 36.29
CA LYS B 47 -5.47 13.11 35.77
C LYS B 47 -4.51 11.93 35.50
N ASP B 48 -4.43 11.00 36.45
CA ASP B 48 -3.54 9.84 36.32
C ASP B 48 -4.18 8.76 35.46
N PRO B 49 -3.58 8.48 34.29
CA PRO B 49 -4.09 7.46 33.35
C PRO B 49 -3.86 6.04 33.89
N SER B 50 -3.01 5.95 34.89
CA SER B 50 -2.66 4.68 35.51
C SER B 50 -3.78 4.20 36.42
N GLY B 51 -4.60 5.14 36.89
CA GLY B 51 -5.70 4.83 37.77
C GLY B 51 -6.73 3.92 37.11
N PRO B 52 -7.70 3.43 37.89
CA PRO B 52 -8.80 2.66 37.32
C PRO B 52 -9.86 3.59 36.74
N PRO B 53 -10.67 3.10 35.78
CA PRO B 53 -11.72 3.93 35.19
C PRO B 53 -12.79 4.26 36.23
N LEU B 54 -13.15 5.53 36.33
CA LEU B 54 -14.06 5.98 37.36
C LEU B 54 -15.48 5.60 37.02
N ASP B 55 -15.93 6.02 35.84
CA ASP B 55 -17.30 5.76 35.40
C ASP B 55 -17.34 5.71 33.88
N ALA B 56 -18.43 5.19 33.33
CA ALA B 56 -18.56 5.06 31.89
C ALA B 56 -20.02 5.02 31.59
N LYS B 57 -20.36 5.32 30.34
CA LYS B 57 -21.74 5.27 29.91
C LYS B 57 -21.85 5.22 28.39
N ILE B 58 -22.88 4.55 27.92
CA ILE B 58 -23.16 4.41 26.50
C ILE B 58 -24.41 5.18 26.13
N PHE B 59 -24.31 6.04 25.13
CA PHE B 59 -25.49 6.70 24.58
C PHE B 59 -25.68 6.20 23.16
N GLN B 60 -26.73 5.42 22.96
CA GLN B 60 -26.98 4.77 21.68
C GLN B 60 -28.42 5.05 21.25
N GLY B 61 -28.71 4.83 19.98
CA GLY B 61 -30.05 5.00 19.46
C GLY B 61 -30.04 4.73 17.97
N LYS B 62 -31.19 4.41 17.40
CA LYS B 62 -31.28 4.29 15.95
C LYS B 62 -31.20 5.67 15.32
N VAL B 63 -30.85 5.69 14.03
CA VAL B 63 -30.23 6.88 13.46
C VAL B 63 -31.12 8.09 13.30
N TYR B 64 -30.41 9.21 13.24
CA TYR B 64 -30.99 10.52 13.06
C TYR B 64 -31.94 10.83 14.20
N PRO B 65 -31.42 10.90 15.43
CA PRO B 65 -32.22 11.63 16.42
C PRO B 65 -32.19 13.12 16.06
N LYS B 66 -33.10 13.91 16.60
CA LYS B 66 -33.06 15.34 16.33
C LYS B 66 -32.09 15.98 17.31
N ALA B 67 -31.63 17.19 16.98
CA ALA B 67 -30.50 17.85 17.61
C ALA B 67 -30.33 17.63 19.14
N LYS B 68 -31.41 17.82 19.90
CA LYS B 68 -31.42 17.68 21.36
C LYS B 68 -30.98 16.30 21.87
N TYR B 69 -31.23 15.26 21.08
CA TYR B 69 -30.95 13.90 21.50
C TYR B 69 -29.79 13.29 20.76
N HIS B 70 -29.02 14.12 20.07
CA HIS B 70 -27.72 13.65 19.55
C HIS B 70 -26.95 13.13 20.75
N PRO B 71 -26.25 12.01 20.60
CA PRO B 71 -25.55 11.41 21.74
C PRO B 71 -24.63 12.42 22.42
N GLU B 72 -24.07 13.35 21.66
CA GLU B 72 -23.16 14.34 22.25
C GLU B 72 -23.88 15.19 23.28
N MET B 73 -25.12 15.59 22.99
CA MET B 73 -25.90 16.43 23.90
C MET B 73 -26.39 15.65 25.12
N ARG B 74 -26.75 14.40 24.88
CA ARG B 74 -27.18 13.52 25.96
C ARG B 74 -25.99 13.40 26.92
N PHE B 75 -24.80 13.19 26.37
CA PHE B 75 -23.60 13.16 27.20
C PHE B 75 -23.40 14.42 28.01
N LEU B 76 -23.63 15.58 27.41
CA LEU B 76 -23.41 16.83 28.14
C LEU B 76 -24.39 16.97 29.30
N ARG B 77 -25.63 16.54 29.12
CA ARG B 77 -26.60 16.66 30.22
C ARG B 77 -26.17 15.73 31.35
N TRP B 78 -25.89 14.48 31.02
CA TRP B 78 -25.42 13.49 31.98
C TRP B 78 -24.15 13.93 32.69
N PHE B 79 -23.17 14.43 31.95
CA PHE B 79 -21.88 14.71 32.55
C PHE B 79 -21.91 16.01 33.35
N HIS B 80 -22.85 16.90 33.04
CA HIS B 80 -23.00 18.12 33.85
C HIS B 80 -23.46 17.77 35.26
N LYS B 81 -24.43 16.88 35.37
CA LYS B 81 -24.88 16.44 36.68
C LYS B 81 -23.82 15.59 37.38
N TRP B 82 -23.23 14.64 36.65
CA TRP B 82 -22.16 13.79 37.20
C TRP B 82 -21.06 14.59 37.89
N ARG B 83 -20.66 15.70 37.28
CA ARG B 83 -19.62 16.55 37.84
C ARG B 83 -20.01 17.12 39.21
N GLN B 84 -21.32 17.35 39.40
CA GLN B 84 -21.83 17.88 40.66
C GLN B 84 -21.93 16.80 41.73
N LEU B 85 -22.34 15.59 41.36
CA LEU B 85 -22.45 14.49 42.32
C LEU B 85 -21.12 13.79 42.58
N HIS B 86 -20.01 14.47 42.25
CA HIS B 86 -18.70 13.87 42.45
C HIS B 86 -17.68 14.87 42.97
N HIS B 87 -16.62 14.32 43.58
CA HIS B 87 -15.52 15.11 44.12
C HIS B 87 -14.95 15.98 43.03
N ASP B 88 -14.67 17.24 43.34
CA ASP B 88 -14.05 18.10 42.34
C ASP B 88 -12.54 17.81 42.27
N GLN B 89 -12.11 17.35 41.11
CA GLN B 89 -10.69 17.25 40.76
C GLN B 89 -10.58 17.40 39.26
N GLU B 90 -9.43 17.05 38.69
CA GLU B 90 -9.27 17.12 37.24
C GLU B 90 -9.68 15.80 36.61
N TYR B 91 -10.51 15.88 35.56
CA TYR B 91 -10.95 14.68 34.87
C TYR B 91 -10.60 14.69 33.38
N LYS B 92 -10.31 13.51 32.87
CA LYS B 92 -10.06 13.33 31.45
C LYS B 92 -11.14 12.43 30.89
N VAL B 93 -11.84 12.91 29.86
CA VAL B 93 -12.92 12.14 29.26
C VAL B 93 -12.52 11.61 27.89
N THR B 94 -12.81 10.34 27.64
CA THR B 94 -12.65 9.74 26.32
C THR B 94 -14.00 9.40 25.72
N TRP B 95 -14.18 9.75 24.44
CA TRP B 95 -15.34 9.33 23.66
C TRP B 95 -14.95 8.34 22.57
N TYR B 96 -15.77 7.33 22.36
CA TYR B 96 -15.77 6.63 21.10
C TYR B 96 -17.12 6.91 20.45
N VAL B 97 -17.14 7.65 19.36
CA VAL B 97 -18.41 8.07 18.81
C VAL B 97 -18.51 7.63 17.33
N SER B 98 -19.69 7.19 16.92
CA SER B 98 -19.85 6.54 15.63
C SER B 98 -19.89 7.53 14.46
N TRP B 99 -20.31 8.76 14.70
CA TRP B 99 -20.49 9.72 13.63
C TRP B 99 -19.79 11.05 13.90
N SER B 100 -19.88 11.94 12.90
CA SER B 100 -19.31 13.29 13.00
C SER B 100 -20.18 14.20 13.86
N PRO B 101 -19.54 15.05 14.67
CA PRO B 101 -20.27 16.10 15.40
C PRO B 101 -20.80 17.17 14.45
N CYS B 102 -22.08 17.51 14.60
CA CYS B 102 -22.65 18.64 13.89
C CYS B 102 -22.18 19.94 14.56
N THR B 103 -22.47 21.07 13.94
CA THR B 103 -22.00 22.35 14.47
C THR B 103 -22.62 22.67 15.82
N ARG B 104 -23.91 22.34 15.97
CA ARG B 104 -24.64 22.60 17.20
C ARG B 104 -24.04 21.82 18.38
N CYS B 105 -23.68 20.56 18.14
CA CYS B 105 -23.04 19.77 19.20
C CYS B 105 -21.66 20.29 19.50
N ALA B 106 -20.90 20.63 18.46
CA ALA B 106 -19.53 21.13 18.66
C ALA B 106 -19.54 22.42 19.49
N ASN B 107 -20.44 23.34 19.17
CA ASN B 107 -20.54 24.58 19.95
C ASN B 107 -20.90 24.33 21.41
N SER B 108 -21.90 23.50 21.67
CA SER B 108 -22.28 23.20 23.05
C SER B 108 -21.12 22.54 23.81
N VAL B 109 -20.37 21.66 23.13
CA VAL B 109 -19.26 20.96 23.78
C VAL B 109 -18.14 21.95 24.09
N ALA B 110 -17.87 22.84 23.14
CA ALA B 110 -16.79 23.82 23.33
C ALA B 110 -17.08 24.74 24.51
N THR B 111 -18.31 25.28 24.58
CA THR B 111 -18.68 26.20 25.64
C THR B 111 -18.55 25.47 26.98
N PHE B 112 -19.01 24.22 27.01
CA PHE B 112 -18.79 23.38 28.18
C PHE B 112 -17.31 23.29 28.56
N LEU B 113 -16.45 23.07 27.57
CA LEU B 113 -15.03 22.90 27.84
C LEU B 113 -14.40 24.18 28.42
N ALA B 114 -15.01 25.31 28.09
CA ALA B 114 -14.55 26.60 28.56
C ALA B 114 -15.00 26.87 30.03
N LYS B 115 -16.27 26.60 30.34
CA LYS B 115 -16.77 26.73 31.71
C LYS B 115 -16.19 25.72 32.69
N ASP B 116 -15.57 24.66 32.19
CA ASP B 116 -15.06 23.60 33.06
C ASP B 116 -13.68 23.14 32.57
N PRO B 117 -12.65 23.97 32.78
CA PRO B 117 -11.29 23.66 32.30
C PRO B 117 -10.62 22.53 33.07
N LYS B 118 -11.22 22.10 34.17
CA LYS B 118 -10.72 20.94 34.88
C LYS B 118 -10.87 19.66 34.05
N VAL B 119 -11.71 19.74 33.01
CA VAL B 119 -12.00 18.61 32.14
C VAL B 119 -11.30 18.74 30.80
N THR B 120 -10.64 17.66 30.39
CA THR B 120 -10.16 17.56 29.02
C THR B 120 -10.84 16.39 28.30
N LEU B 121 -11.06 16.58 27.00
CA LEU B 121 -11.84 15.63 26.19
C LEU B 121 -11.01 15.09 25.00
N THR B 122 -11.03 13.77 24.87
CA THR B 122 -10.43 13.09 23.76
C THR B 122 -11.53 12.38 23.00
N ILE B 123 -11.62 12.65 21.71
CA ILE B 123 -12.67 12.06 20.87
C ILE B 123 -12.12 11.14 19.78
N PHE B 124 -12.55 9.88 19.81
CA PHE B 124 -12.29 8.95 18.71
C PHE B 124 -13.53 8.76 17.88
N VAL B 125 -13.42 9.05 16.59
CA VAL B 125 -14.54 8.98 15.67
C VAL B 125 -14.40 7.75 14.76
N ALA B 126 -15.43 6.93 14.66
CA ALA B 126 -15.41 5.74 13.82
C ALA B 126 -15.40 6.07 12.30
N ARG B 127 -16.21 7.06 11.93
CA ARG B 127 -16.39 7.42 10.54
C ARG B 127 -16.79 8.88 10.49
N LEU B 128 -16.13 9.66 9.64
CA LEU B 128 -16.56 11.03 9.35
C LEU B 128 -17.77 11.04 8.41
N TYR B 129 -18.71 11.95 8.61
CA TYR B 129 -19.79 12.10 7.63
C TYR B 129 -19.98 13.57 7.24
N TYR B 130 -20.36 13.77 5.99
CA TYR B 130 -20.60 15.11 5.44
C TYR B 130 -19.36 15.96 5.55
N PHE B 131 -18.20 15.30 5.46
CA PHE B 131 -16.91 15.96 5.59
C PHE B 131 -16.64 16.94 4.46
N TRP B 132 -17.53 16.95 3.47
CA TRP B 132 -17.47 17.91 2.37
C TRP B 132 -18.39 19.10 2.64
N LYS B 133 -19.20 19.02 3.69
CA LYS B 133 -20.06 20.16 4.04
C LYS B 133 -19.36 21.09 5.02
N PRO B 134 -19.35 22.40 4.70
CA PRO B 134 -18.65 23.44 5.47
C PRO B 134 -18.95 23.43 6.98
N ASP B 135 -20.21 23.26 7.36
CA ASP B 135 -20.56 23.26 8.78
C ASP B 135 -19.91 22.10 9.52
N TYR B 136 -19.84 20.93 8.86
CA TYR B 136 -19.24 19.77 9.49
C TYR B 136 -17.73 19.89 9.59
N GLN B 137 -17.12 20.48 8.58
CA GLN B 137 -15.71 20.76 8.66
C GLN B 137 -15.45 21.74 9.81
N GLN B 138 -16.25 22.81 9.91
CA GLN B 138 -16.06 23.82 10.95
C GLN B 138 -16.24 23.23 12.36
N ALA B 139 -17.24 22.36 12.52
CA ALA B 139 -17.49 21.70 13.79
C ALA B 139 -16.25 21.01 14.32
N LEU B 140 -15.47 20.40 13.43
CA LEU B 140 -14.22 19.77 13.83
C LEU B 140 -13.21 20.81 14.29
N ARG B 141 -13.11 21.91 13.57
CA ARG B 141 -12.19 22.96 13.97
C ARG B 141 -12.64 23.62 15.29
N ILE B 142 -13.95 23.81 15.44
CA ILE B 142 -14.52 24.36 16.69
C ILE B 142 -14.14 23.54 17.91
N LEU B 143 -14.18 22.21 17.79
CA LEU B 143 -13.78 21.35 18.89
C LEU B 143 -12.28 21.42 19.17
N ALA B 144 -11.46 21.51 18.13
CA ALA B 144 -10.00 21.55 18.29
C ALA B 144 -9.58 22.84 18.98
N GLU B 145 -10.18 23.92 18.54
CA GLU B 145 -10.04 25.22 19.17
C GLU B 145 -10.32 25.20 20.67
N ALA B 146 -11.27 24.36 21.09
CA ALA B 146 -11.68 24.31 22.49
C ALA B 146 -10.79 23.36 23.28
N GLY B 147 -9.85 22.73 22.59
CA GLY B 147 -8.87 21.88 23.25
C GLY B 147 -9.20 20.40 23.23
N ALA B 148 -10.34 20.02 22.64
CA ALA B 148 -10.64 18.60 22.41
C ALA B 148 -9.65 17.96 21.45
N THR B 149 -9.25 16.73 21.76
CA THR B 149 -8.33 15.98 20.92
C THR B 149 -9.13 15.01 20.04
N MET B 150 -8.95 15.08 18.72
CA MET B 150 -9.69 14.21 17.81
C MET B 150 -8.83 13.33 16.95
N LYS B 151 -9.22 12.06 16.86
CA LYS B 151 -8.52 11.06 16.08
C LYS B 151 -9.56 10.12 15.52
N ILE B 152 -9.28 9.53 14.37
CA ILE B 152 -10.17 8.53 13.80
C ILE B 152 -9.90 7.19 14.49
N MET B 153 -10.94 6.38 14.69
CA MET B 153 -10.75 5.07 15.29
C MET B 153 -10.00 4.12 14.35
N ASN B 154 -8.90 3.56 14.85
CA ASN B 154 -8.14 2.51 14.18
C ASN B 154 -8.49 1.16 14.82
N TYR B 155 -7.80 0.10 14.43
CA TYR B 155 -8.05 -1.24 14.96
C TYR B 155 -8.09 -1.31 16.50
N ASN B 156 -7.04 -0.79 17.14
CA ASN B 156 -6.94 -0.84 18.59
C ASN B 156 -8.15 -0.22 19.29
N GLU B 157 -8.59 0.91 18.77
CA GLU B 157 -9.72 1.60 19.37
C GLU B 157 -11.03 0.85 19.19
N PHE B 158 -11.25 0.30 18.00
CA PHE B 158 -12.43 -0.51 17.79
C PHE B 158 -12.36 -1.71 18.72
N GLN B 159 -11.16 -2.28 18.84
CA GLN B 159 -10.95 -3.46 19.69
C GLN B 159 -11.25 -3.14 21.15
N ASP B 160 -10.66 -2.05 21.63
CA ASP B 160 -10.90 -1.58 23.00
C ASP B 160 -12.39 -1.31 23.23
N CYS B 161 -13.02 -0.61 22.29
CA CYS B 161 -14.44 -0.31 22.41
C CYS B 161 -15.27 -1.58 22.43
N TRP B 162 -14.84 -2.60 21.71
CA TRP B 162 -15.50 -3.91 21.72
C TRP B 162 -15.39 -4.58 23.11
N ASN B 163 -14.18 -4.57 23.65
CA ASN B 163 -13.91 -5.13 24.97
C ASN B 163 -14.66 -4.45 26.11
N LYS B 164 -14.73 -3.11 26.07
CA LYS B 164 -15.32 -2.35 27.16
C LYS B 164 -16.83 -2.14 27.04
N PHE B 165 -17.36 -2.10 25.82
CA PHE B 165 -18.71 -1.61 25.64
C PHE B 165 -19.66 -2.52 24.88
N VAL B 166 -19.19 -3.64 24.37
CA VAL B 166 -20.04 -4.50 23.55
C VAL B 166 -20.31 -5.85 24.22
N ASP B 167 -21.53 -6.35 24.08
CA ASP B 167 -21.91 -7.67 24.56
C ASP B 167 -21.29 -8.75 23.68
N GLY B 168 -20.01 -9.00 23.92
CA GLY B 168 -19.23 -9.88 23.07
C GLY B 168 -19.27 -11.36 23.44
N ARG B 169 -19.59 -11.64 24.70
CA ARG B 169 -19.69 -13.01 25.21
C ARG B 169 -18.41 -13.80 25.00
N GLY B 170 -17.31 -13.28 25.54
CA GLY B 170 -16.02 -13.92 25.38
C GLY B 170 -15.41 -13.75 24.00
N LYS B 171 -16.25 -13.88 22.96
CA LYS B 171 -15.84 -13.71 21.56
C LYS B 171 -14.99 -12.47 21.35
N PRO B 172 -13.99 -12.57 20.46
CA PRO B 172 -13.07 -11.48 20.19
C PRO B 172 -13.61 -10.49 19.13
N PHE B 173 -12.95 -9.34 19.05
CA PHE B 173 -13.29 -8.37 18.01
C PHE B 173 -12.96 -8.95 16.64
N LYS B 174 -13.94 -8.89 15.74
CA LYS B 174 -13.81 -9.43 14.40
C LYS B 174 -13.80 -8.32 13.31
N PRO B 175 -12.61 -7.77 13.04
CA PRO B 175 -12.36 -6.64 12.11
C PRO B 175 -12.88 -6.90 10.69
N TRP B 176 -13.43 -5.86 10.05
CA TRP B 176 -13.81 -5.98 8.65
C TRP B 176 -12.60 -5.61 7.79
N ASN B 177 -12.66 -6.00 6.52
CA ASN B 177 -11.49 -5.94 5.65
C ASN B 177 -11.01 -4.53 5.35
N ASN B 178 -11.95 -3.61 5.18
CA ASN B 178 -11.60 -2.26 4.79
C ASN B 178 -11.22 -1.36 5.96
N LEU B 179 -11.26 -1.91 7.18
CA LEU B 179 -11.06 -1.09 8.38
C LEU B 179 -9.74 -0.30 8.33
N PRO B 180 -8.60 -0.95 8.03
CA PRO B 180 -7.41 -0.07 8.00
C PRO B 180 -7.38 0.88 6.79
N LYS B 181 -8.10 0.55 5.73
CA LYS B 181 -8.09 1.38 4.54
C LYS B 181 -8.88 2.65 4.77
N HIS B 182 -10.08 2.46 5.32
CA HIS B 182 -10.96 3.51 5.75
C HIS B 182 -10.25 4.42 6.77
N TYR B 183 -9.52 3.82 7.70
CA TYR B 183 -8.82 4.61 8.73
C TYR B 183 -7.86 5.62 8.09
N THR B 184 -7.00 5.15 7.18
CA THR B 184 -5.97 5.96 6.52
C THR B 184 -6.58 7.13 5.76
N LEU B 185 -7.64 6.84 5.02
CA LEU B 185 -8.39 7.86 4.29
C LEU B 185 -8.99 8.91 5.24
N LEU B 186 -9.64 8.44 6.30
CA LEU B 186 -10.37 9.31 7.20
C LEU B 186 -9.42 10.09 8.10
N GLN B 187 -8.35 9.45 8.57
CA GLN B 187 -7.35 10.15 9.39
C GLN B 187 -6.66 11.26 8.60
N ALA B 188 -6.39 11.03 7.31
CA ALA B 188 -5.78 12.06 6.48
C ALA B 188 -6.72 13.23 6.25
N THR B 189 -8.01 12.92 6.06
CA THR B 189 -9.04 13.94 5.83
C THR B 189 -9.28 14.84 7.08
N LEU B 190 -9.37 14.21 8.25
CA LEU B 190 -9.44 14.91 9.53
C LEU B 190 -8.24 15.84 9.68
N GLY B 191 -7.05 15.29 9.47
CA GLY B 191 -5.83 16.08 9.54
C GLY B 191 -5.90 17.32 8.65
N GLU B 192 -6.40 17.10 7.45
CA GLU B 192 -6.50 18.13 6.44
C GLU B 192 -7.49 19.21 6.83
N LEU B 193 -8.65 18.79 7.33
CA LEU B 193 -9.70 19.73 7.72
C LEU B 193 -9.24 20.60 8.89
N LEU B 194 -8.42 20.02 9.78
CA LEU B 194 -7.98 20.73 10.98
C LEU B 194 -6.90 21.78 10.69
N ARG B 195 -5.98 21.45 9.78
CA ARG B 195 -4.90 22.36 9.36
C ARG B 195 -5.36 23.50 8.45
N HIS B 196 -6.39 23.25 7.63
CA HIS B 196 -6.75 24.14 6.52
C HIS B 196 -8.12 24.80 6.62
N MET D 13 7.43 29.22 10.77
CA MET D 13 6.24 28.61 10.18
C MET D 13 6.56 27.26 9.57
N VAL D 14 6.72 26.25 10.43
CA VAL D 14 7.02 24.91 9.97
C VAL D 14 5.66 24.26 9.83
N GLU D 15 5.56 23.24 9.00
CA GLU D 15 4.36 22.42 9.06
C GLU D 15 4.55 21.47 10.23
N PRO D 16 3.96 21.79 11.39
CA PRO D 16 4.34 21.08 12.62
C PRO D 16 3.89 19.63 12.61
N MET D 17 4.39 18.82 13.55
CA MET D 17 3.91 17.46 13.63
C MET D 17 2.81 17.36 14.68
N ASP D 18 1.97 16.34 14.53
CA ASP D 18 0.92 16.02 15.48
C ASP D 18 1.50 15.65 16.86
N PRO D 19 0.90 16.17 17.94
CA PRO D 19 1.24 15.79 19.31
C PRO D 19 1.47 14.29 19.53
N ARG D 20 0.58 13.48 18.94
CA ARG D 20 0.66 12.03 19.10
C ARG D 20 1.80 11.42 18.31
N THR D 21 2.21 12.10 17.25
CA THR D 21 3.35 11.65 16.50
C THR D 21 4.63 11.97 17.32
N PHE D 22 4.60 13.07 18.05
CA PHE D 22 5.75 13.47 18.85
C PHE D 22 5.98 12.53 20.00
N VAL D 23 4.96 12.45 20.85
CA VAL D 23 4.95 11.65 22.08
C VAL D 23 5.30 10.20 21.81
N SER D 24 4.88 9.71 20.66
CA SER D 24 5.13 8.33 20.32
C SER D 24 6.53 8.13 19.73
N ASN D 25 7.02 9.05 18.89
CA ASN D 25 8.37 8.89 18.34
C ASN D 25 9.54 9.49 19.14
N PHE D 26 9.27 10.32 20.13
CA PHE D 26 10.35 10.93 20.88
C PHE D 26 10.37 10.39 22.32
N ASN D 27 9.49 9.44 22.61
CA ASN D 27 9.55 8.65 23.84
C ASN D 27 10.95 8.08 23.99
N ASN D 28 11.56 8.20 25.16
CA ASN D 28 12.98 7.83 25.23
C ASN D 28 13.31 6.53 25.99
N ARG D 29 12.36 5.61 26.07
CA ARG D 29 12.73 4.25 26.43
C ARG D 29 13.84 3.78 25.52
N PRO D 30 14.93 3.28 26.11
CA PRO D 30 16.16 2.94 25.38
C PRO D 30 15.97 1.75 24.44
N ILE D 31 15.17 0.80 24.88
CA ILE D 31 14.91 -0.39 24.09
C ILE D 31 13.43 -0.36 23.77
N LEU D 32 13.14 -0.28 22.49
CA LEU D 32 11.83 0.15 22.07
C LEU D 32 11.47 -0.60 20.82
N SER D 33 10.24 -1.09 20.77
CA SER D 33 9.79 -1.85 19.61
C SER D 33 8.70 -1.10 18.84
N GLY D 34 8.66 -1.30 17.53
CA GLY D 34 7.60 -0.78 16.71
C GLY D 34 7.72 0.69 16.30
N LEU D 35 8.95 1.20 16.27
CA LEU D 35 9.21 2.55 15.76
C LEU D 35 10.13 2.45 14.59
N ASP D 36 9.55 2.40 13.40
CA ASP D 36 10.31 2.16 12.18
C ASP D 36 10.71 3.48 11.52
N THR D 37 10.15 4.58 12.00
CA THR D 37 10.44 5.88 11.39
C THR D 37 11.44 6.66 12.22
N VAL D 38 12.37 7.30 11.54
CA VAL D 38 13.21 8.33 12.12
C VAL D 38 12.59 9.70 11.87
N TRP D 39 12.51 10.51 12.91
CA TRP D 39 12.09 11.90 12.80
C TRP D 39 13.22 12.86 13.11
N LEU D 40 13.35 13.85 12.26
CA LEU D 40 14.40 14.85 12.39
C LEU D 40 13.79 16.25 12.34
N CYS D 41 13.87 16.97 13.45
CA CYS D 41 13.50 18.37 13.45
C CYS D 41 14.77 19.22 13.40
N CYS D 42 14.88 20.12 12.45
CA CYS D 42 16.11 20.92 12.38
C CYS D 42 15.88 22.43 12.39
N GLU D 43 16.93 23.15 12.78
CA GLU D 43 16.90 24.58 12.93
C GLU D 43 18.22 25.13 12.42
N VAL D 44 18.15 26.17 11.60
CA VAL D 44 19.36 26.80 11.09
C VAL D 44 19.48 28.23 11.62
N LYS D 45 20.70 28.59 12.04
CA LYS D 45 20.95 29.91 12.60
C LYS D 45 22.29 30.48 12.15
N THR D 46 22.53 31.73 12.53
CA THR D 46 23.84 32.35 12.40
C THR D 46 24.60 32.03 13.68
N LYS D 47 25.89 32.30 13.73
CA LYS D 47 26.64 32.04 14.97
C LYS D 47 26.42 33.15 16.00
N ASP D 48 25.20 33.70 16.02
CA ASP D 48 24.72 34.54 17.11
C ASP D 48 24.15 33.61 18.19
N PRO D 49 24.41 33.91 19.48
CA PRO D 49 23.91 33.07 20.57
C PRO D 49 22.38 33.00 20.67
N SER D 50 21.67 34.08 20.32
CA SER D 50 20.21 34.10 20.32
C SER D 50 19.60 35.06 19.29
N GLY D 51 20.20 35.08 18.10
CA GLY D 51 19.55 35.69 16.95
C GLY D 51 18.39 34.78 16.56
N PRO D 52 17.53 35.23 15.63
CA PRO D 52 16.35 34.43 15.32
C PRO D 52 16.72 33.19 14.51
N PRO D 53 15.86 32.15 14.52
CA PRO D 53 16.08 31.05 13.60
C PRO D 53 15.81 31.46 12.15
N LEU D 54 16.75 31.13 11.27
CA LEU D 54 16.63 31.44 9.86
C LEU D 54 15.51 30.63 9.22
N ASP D 55 15.68 29.31 9.25
CA ASP D 55 14.64 28.40 8.79
C ASP D 55 14.53 27.21 9.76
N ALA D 56 13.65 26.27 9.44
CA ALA D 56 13.32 25.18 10.33
C ALA D 56 12.47 24.17 9.59
N LYS D 57 12.92 22.93 9.55
CA LYS D 57 12.14 21.92 8.86
C LYS D 57 12.09 20.56 9.58
N ILE D 58 11.13 19.75 9.15
CA ILE D 58 10.87 18.44 9.70
C ILE D 58 11.01 17.39 8.63
N PHE D 59 11.85 16.39 8.84
CA PHE D 59 11.97 15.29 7.91
C PHE D 59 11.71 13.98 8.58
N GLN D 60 10.98 13.11 7.87
CA GLN D 60 10.77 11.74 8.30
C GLN D 60 11.32 10.76 7.27
N GLY D 61 11.54 9.52 7.69
CA GLY D 61 12.02 8.48 6.81
C GLY D 61 12.08 7.16 7.54
N LYS D 62 11.48 6.13 6.94
CA LYS D 62 11.61 4.76 7.45
C LYS D 62 13.09 4.40 7.49
N VAL D 63 13.52 3.70 8.54
CA VAL D 63 14.92 3.26 8.61
C VAL D 63 15.14 2.00 7.76
N TYR D 64 14.03 1.37 7.37
CA TYR D 64 14.03 0.13 6.58
C TYR D 64 14.95 0.09 5.35
N PRO D 65 14.61 0.84 4.28
CA PRO D 65 15.28 0.47 3.03
C PRO D 65 16.61 1.18 2.79
N LYS D 66 16.60 2.09 1.84
CA LYS D 66 17.80 2.81 1.45
C LYS D 66 18.07 3.98 2.39
N ALA D 67 19.30 4.06 2.86
CA ALA D 67 19.76 5.16 3.69
C ALA D 67 19.63 6.50 2.98
N LYS D 68 19.36 6.49 1.68
CA LYS D 68 19.20 7.73 0.94
C LYS D 68 17.85 8.37 1.24
N TYR D 69 16.91 7.57 1.72
CA TYR D 69 15.62 8.08 2.14
C TYR D 69 15.54 8.32 3.65
N HIS D 70 16.71 8.28 4.30
CA HIS D 70 16.83 8.68 5.70
C HIS D 70 16.86 10.19 5.81
N PRO D 71 16.13 10.74 6.79
CA PRO D 71 15.94 12.18 6.97
C PRO D 71 17.25 12.96 7.07
N GLU D 72 18.33 12.31 7.49
CA GLU D 72 19.62 12.97 7.50
C GLU D 72 20.06 13.33 6.08
N MET D 73 19.90 12.39 5.14
CA MET D 73 20.25 12.65 3.74
C MET D 73 19.35 13.73 3.15
N ARG D 74 18.04 13.54 3.28
CA ARG D 74 17.06 14.55 2.86
C ARG D 74 17.46 15.92 3.39
N PHE D 75 17.92 15.97 4.64
CA PHE D 75 18.33 17.26 5.19
C PHE D 75 19.48 17.84 4.40
N LEU D 76 20.40 16.96 4.00
CA LEU D 76 21.65 17.40 3.38
C LEU D 76 21.38 18.09 2.03
N ARG D 77 20.60 17.44 1.18
CA ARG D 77 20.15 18.02 -0.07
C ARG D 77 19.45 19.34 0.17
N TRP D 78 18.46 19.31 1.07
CA TRP D 78 17.67 20.49 1.33
C TRP D 78 18.55 21.63 1.73
N PHE D 79 19.60 21.32 2.47
CA PHE D 79 20.47 22.35 3.02
C PHE D 79 21.42 22.90 1.98
N HIS D 80 21.73 22.10 0.96
CA HIS D 80 22.61 22.59 -0.10
C HIS D 80 21.86 23.54 -1.02
N LYS D 81 20.68 23.12 -1.45
CA LYS D 81 19.84 24.00 -2.27
C LYS D 81 19.54 25.27 -1.49
N TRP D 82 19.30 25.11 -0.20
CA TRP D 82 18.92 26.24 0.65
C TRP D 82 20.03 27.28 0.75
N ARG D 83 21.26 26.82 0.94
CA ARG D 83 22.41 27.71 1.14
C ARG D 83 22.88 28.39 -0.15
N GLN D 84 22.61 27.77 -1.31
CA GLN D 84 22.86 28.41 -2.60
C GLN D 84 22.04 29.68 -2.68
N LEU D 85 20.80 29.59 -2.21
CA LEU D 85 19.87 30.71 -2.14
C LEU D 85 20.30 31.75 -1.10
N HIS D 86 21.46 31.54 -0.48
CA HIS D 86 21.93 32.42 0.59
C HIS D 86 23.42 32.71 0.51
N HIS D 87 23.95 33.26 1.61
CA HIS D 87 25.26 33.90 1.63
C HIS D 87 26.29 33.11 2.43
N ASP D 88 27.55 33.21 2.01
CA ASP D 88 28.64 32.61 2.75
C ASP D 88 28.50 33.15 4.18
N GLN D 89 28.17 32.26 5.10
CA GLN D 89 27.92 32.65 6.48
C GLN D 89 28.37 31.56 7.43
N GLU D 90 28.37 31.87 8.72
CA GLU D 90 28.67 30.89 9.75
C GLU D 90 27.38 30.33 10.35
N TYR D 91 27.06 29.11 9.95
CA TYR D 91 25.79 28.46 10.30
C TYR D 91 25.87 27.52 11.51
N LYS D 92 25.04 27.80 12.51
CA LYS D 92 24.79 26.88 13.60
C LYS D 92 23.55 26.04 13.30
N VAL D 93 23.76 24.83 12.81
CA VAL D 93 22.66 23.88 12.66
C VAL D 93 22.42 23.07 13.95
N THR D 94 21.16 22.91 14.33
CA THR D 94 20.82 22.01 15.42
C THR D 94 19.76 20.99 14.99
N TRP D 95 19.91 19.74 15.45
CA TRP D 95 18.98 18.64 15.20
C TRP D 95 18.33 18.06 16.46
N TYR D 96 17.05 17.77 16.39
CA TYR D 96 16.39 16.87 17.34
C TYR D 96 15.95 15.66 16.57
N VAL D 97 16.56 14.53 16.85
CA VAL D 97 16.30 13.37 16.05
C VAL D 97 15.86 12.23 16.96
N SER D 98 14.94 11.39 16.48
CA SER D 98 14.29 10.39 17.31
C SER D 98 15.18 9.15 17.53
N TRP D 99 15.86 8.71 16.48
CA TRP D 99 16.94 7.72 16.54
C TRP D 99 18.24 8.38 16.13
N SER D 100 19.34 7.99 16.77
CA SER D 100 20.69 8.36 16.32
C SER D 100 20.97 7.83 14.90
N PRO D 101 21.90 8.46 14.17
CA PRO D 101 22.21 8.12 12.78
C PRO D 101 22.77 6.71 12.56
N CYS D 102 22.33 6.07 11.49
CA CYS D 102 22.96 4.82 11.09
C CYS D 102 24.36 5.10 10.57
N THR D 103 25.13 4.03 10.41
CA THR D 103 26.52 4.10 9.95
C THR D 103 26.70 4.92 8.66
N ARG D 104 25.84 4.67 7.68
CA ARG D 104 25.90 5.36 6.39
C ARG D 104 25.64 6.87 6.45
N CYS D 105 24.64 7.30 7.23
CA CYS D 105 24.33 8.72 7.36
C CYS D 105 25.43 9.44 8.12
N ALA D 106 26.01 8.75 9.09
CA ALA D 106 27.14 9.31 9.83
C ALA D 106 28.29 9.64 8.89
N ASN D 107 28.64 8.71 8.00
CA ASN D 107 29.63 8.98 6.96
C ASN D 107 29.36 10.28 6.21
N SER D 108 28.17 10.34 5.61
CA SER D 108 27.79 11.44 4.75
C SER D 108 27.77 12.77 5.50
N VAL D 109 27.33 12.71 6.77
CA VAL D 109 27.24 13.93 7.56
C VAL D 109 28.63 14.39 7.98
N ALA D 110 29.47 13.42 8.33
CA ALA D 110 30.87 13.73 8.65
C ALA D 110 31.55 14.39 7.46
N THR D 111 31.41 13.76 6.28
CA THR D 111 32.01 14.30 5.07
C THR D 111 31.56 15.73 4.84
N PHE D 112 30.25 15.97 4.96
CA PHE D 112 29.68 17.29 4.76
C PHE D 112 30.39 18.30 5.64
N LEU D 113 30.47 18.00 6.93
CA LEU D 113 31.09 18.91 7.88
C LEU D 113 32.57 19.12 7.58
N ALA D 114 33.21 18.08 7.03
CA ALA D 114 34.61 18.19 6.64
C ALA D 114 34.75 19.24 5.53
N LYS D 115 34.00 19.05 4.45
CA LYS D 115 34.07 19.97 3.31
C LYS D 115 33.36 21.30 3.54
N ASP D 116 33.22 21.74 4.79
CA ASP D 116 32.53 23.00 5.09
C ASP D 116 32.68 23.45 6.54
N PRO D 117 33.77 24.14 6.87
CA PRO D 117 34.13 24.54 8.23
C PRO D 117 33.30 25.66 8.85
N LYS D 118 32.38 26.26 8.10
CA LYS D 118 31.63 27.38 8.67
C LYS D 118 30.21 26.97 9.06
N VAL D 119 29.94 25.67 9.04
CA VAL D 119 28.72 25.12 9.62
C VAL D 119 29.04 24.24 10.84
N THR D 120 28.48 24.57 12.00
CA THR D 120 28.63 23.73 13.17
C THR D 120 27.31 23.00 13.51
N LEU D 121 27.36 21.67 13.50
CA LEU D 121 26.18 20.82 13.77
C LEU D 121 26.11 20.33 15.22
N THR D 122 24.91 20.39 15.79
CA THR D 122 24.64 19.88 17.12
C THR D 122 23.45 18.91 17.04
N ILE D 123 23.70 17.62 17.27
CA ILE D 123 22.67 16.58 17.21
C ILE D 123 22.20 16.16 18.62
N PHE D 124 20.94 16.42 18.93
CA PHE D 124 20.28 15.93 20.12
C PHE D 124 19.46 14.70 19.72
N VAL D 125 19.65 13.59 20.42
CA VAL D 125 18.96 12.36 20.08
C VAL D 125 18.06 11.87 21.22
N ALA D 126 16.86 11.41 20.89
CA ALA D 126 15.98 10.89 21.92
C ALA D 126 16.42 9.49 22.35
N ARG D 127 16.85 8.72 21.38
CA ARG D 127 17.19 7.31 21.54
C ARG D 127 18.44 6.97 20.76
N LEU D 128 19.29 6.12 21.32
CA LEU D 128 20.46 5.62 20.59
C LEU D 128 20.07 4.40 19.75
N TYR D 129 20.32 4.47 18.44
CA TYR D 129 19.95 3.37 17.53
C TYR D 129 20.99 2.23 17.55
N TYR D 130 20.56 1.03 17.92
CA TYR D 130 21.45 -0.13 18.04
C TYR D 130 22.74 0.15 18.84
N PHE D 131 22.59 0.70 20.04
CA PHE D 131 23.73 1.13 20.86
C PHE D 131 24.61 -0.04 21.31
N TRP D 132 24.07 -1.25 21.25
CA TRP D 132 24.80 -2.44 21.63
C TRP D 132 25.56 -3.08 20.47
N LYS D 133 25.38 -2.57 19.25
CA LYS D 133 26.04 -3.12 18.07
C LYS D 133 27.28 -2.31 17.69
N PRO D 134 28.44 -2.97 17.63
CA PRO D 134 29.74 -2.32 17.38
C PRO D 134 29.74 -1.40 16.16
N ASP D 135 29.00 -1.75 15.13
CA ASP D 135 29.03 -0.95 13.91
C ASP D 135 28.32 0.38 14.06
N TYR D 136 27.20 0.38 14.80
CA TYR D 136 26.46 1.60 15.05
C TYR D 136 27.10 2.46 16.15
N GLN D 137 27.94 1.85 16.98
CA GLN D 137 28.69 2.61 17.98
C GLN D 137 29.72 3.48 17.30
N GLN D 138 30.29 2.97 16.22
CA GLN D 138 31.27 3.70 15.41
C GLN D 138 30.70 4.96 14.74
N ALA D 139 29.43 4.89 14.34
CA ALA D 139 28.75 6.02 13.72
C ALA D 139 28.86 7.27 14.59
N LEU D 140 28.62 7.11 15.88
CA LEU D 140 28.66 8.23 16.77
C LEU D 140 30.08 8.78 16.83
N ARG D 141 31.06 7.88 16.85
CA ARG D 141 32.48 8.24 16.94
C ARG D 141 32.91 9.02 15.69
N ILE D 142 32.51 8.52 14.53
CA ILE D 142 32.66 9.22 13.26
C ILE D 142 32.12 10.65 13.29
N LEU D 143 30.87 10.80 13.71
CA LEU D 143 30.24 12.11 13.80
C LEU D 143 30.98 13.05 14.73
N ALA D 144 31.40 12.52 15.88
CA ALA D 144 32.06 13.33 16.87
C ALA D 144 33.43 13.79 16.37
N GLU D 145 34.13 12.91 15.64
CA GLU D 145 35.44 13.27 15.05
C GLU D 145 35.27 14.46 14.11
N ALA D 146 34.20 14.44 13.31
CA ALA D 146 33.94 15.52 12.35
C ALA D 146 33.52 16.82 13.02
N GLY D 147 33.44 16.82 14.34
CA GLY D 147 33.11 18.03 15.08
C GLY D 147 31.64 18.24 15.41
N ALA D 148 30.79 17.28 15.03
CA ALA D 148 29.40 17.30 15.46
C ALA D 148 29.33 17.09 16.98
N THR D 149 28.57 17.95 17.65
CA THR D 149 28.23 17.77 19.04
C THR D 149 27.06 16.80 19.19
N MET D 150 27.27 15.74 19.98
CA MET D 150 26.29 14.69 20.22
C MET D 150 25.78 14.77 21.64
N LYS D 151 24.48 14.74 21.82
CA LYS D 151 23.91 14.85 23.14
C LYS D 151 22.63 14.06 23.14
N ILE D 152 22.26 13.53 24.31
CA ILE D 152 20.96 12.89 24.49
C ILE D 152 19.94 13.96 24.86
N MET D 153 18.75 13.91 24.27
CA MET D 153 17.71 14.87 24.62
C MET D 153 17.30 14.66 26.04
N ASN D 154 17.30 15.74 26.80
CA ASN D 154 16.77 15.78 28.16
C ASN D 154 15.49 16.62 28.16
N TYR D 155 14.80 16.65 29.29
CA TYR D 155 13.58 17.43 29.47
C TYR D 155 13.55 18.74 28.70
N ASN D 156 14.59 19.55 28.85
CA ASN D 156 14.64 20.84 28.20
C ASN D 156 14.60 20.72 26.68
N GLU D 157 15.24 19.69 26.12
CA GLU D 157 15.29 19.60 24.66
C GLU D 157 13.95 19.06 24.16
N PHE D 158 13.31 18.18 24.94
CA PHE D 158 12.01 17.65 24.57
C PHE D 158 11.03 18.80 24.55
N GLN D 159 11.16 19.68 25.53
CA GLN D 159 10.27 20.83 25.66
C GLN D 159 10.50 21.81 24.53
N ASP D 160 11.75 22.08 24.21
CA ASP D 160 12.03 22.98 23.10
C ASP D 160 11.48 22.43 21.76
N CYS D 161 11.63 21.12 21.54
CA CYS D 161 11.17 20.48 20.34
C CYS D 161 9.67 20.55 20.24
N TRP D 162 9.01 20.32 21.38
CA TRP D 162 7.58 20.46 21.52
C TRP D 162 7.13 21.85 21.09
N ASN D 163 7.62 22.88 21.78
CA ASN D 163 7.29 24.28 21.50
C ASN D 163 7.47 24.67 20.04
N LYS D 164 8.58 24.25 19.46
CA LYS D 164 8.94 24.69 18.11
C LYS D 164 8.40 23.84 16.95
N PHE D 165 8.15 22.55 17.16
CA PHE D 165 7.93 21.66 16.04
C PHE D 165 6.63 20.89 16.13
N VAL D 166 5.87 21.12 17.19
CA VAL D 166 4.72 20.28 17.43
C VAL D 166 3.49 21.18 17.52
N ASP D 167 2.35 20.67 17.06
CA ASP D 167 1.11 21.42 17.10
C ASP D 167 0.46 21.28 18.46
N GLY D 168 1.04 21.93 19.46
CA GLY D 168 0.59 21.77 20.84
C GLY D 168 -0.39 22.81 21.33
N ARG D 169 -0.83 23.68 20.42
CA ARG D 169 -1.96 24.59 20.67
C ARG D 169 -1.88 25.29 22.02
N GLY D 170 -0.71 25.83 22.33
CA GLY D 170 -0.49 26.53 23.59
C GLY D 170 -0.06 25.67 24.77
N LYS D 171 -0.62 24.46 24.86
CA LYS D 171 -0.39 23.58 25.98
C LYS D 171 1.10 23.29 26.23
N PRO D 172 1.49 23.16 27.51
CA PRO D 172 2.92 23.01 27.78
C PRO D 172 3.38 21.60 27.48
N PHE D 173 4.68 21.41 27.28
CA PHE D 173 5.19 20.05 27.15
C PHE D 173 4.90 19.29 28.44
N LYS D 174 4.38 18.07 28.31
CA LYS D 174 4.17 17.22 29.48
C LYS D 174 5.05 15.96 29.39
N PRO D 175 5.92 15.77 30.39
CA PRO D 175 6.84 14.61 30.44
C PRO D 175 6.15 13.28 30.72
N TRP D 176 6.47 12.29 29.91
CA TRP D 176 6.06 10.91 30.15
C TRP D 176 6.77 10.30 31.34
N ASN D 177 6.34 9.10 31.72
CA ASN D 177 6.94 8.36 32.81
C ASN D 177 8.41 8.09 32.53
N ASN D 178 9.25 8.31 33.54
CA ASN D 178 10.63 7.85 33.50
C ASN D 178 11.55 8.57 32.52
N LEU D 179 11.13 9.71 32.00
CA LEU D 179 11.98 10.48 31.08
C LEU D 179 13.41 10.71 31.64
N PRO D 180 13.55 11.25 32.87
CA PRO D 180 14.92 11.45 33.37
C PRO D 180 15.70 10.17 33.63
N LYS D 181 15.00 9.09 33.99
CA LYS D 181 15.66 7.81 34.24
C LYS D 181 16.23 7.24 32.94
N HIS D 182 15.44 7.27 31.88
CA HIS D 182 15.90 6.85 30.56
C HIS D 182 17.07 7.73 30.15
N TYR D 183 16.96 9.02 30.45
CA TYR D 183 18.01 9.98 30.09
C TYR D 183 19.35 9.58 30.69
N THR D 184 19.31 9.23 31.98
CA THR D 184 20.53 8.85 32.68
C THR D 184 21.22 7.65 32.01
N LEU D 185 20.45 6.63 31.68
CA LEU D 185 20.97 5.47 30.96
C LEU D 185 21.60 5.85 29.64
N LEU D 186 20.88 6.63 28.84
CA LEU D 186 21.31 6.94 27.47
C LEU D 186 22.55 7.85 27.45
N GLN D 187 22.59 8.83 28.36
CA GLN D 187 23.67 9.80 28.35
C GLN D 187 24.98 9.15 28.81
N ALA D 188 24.90 8.31 29.82
CA ALA D 188 26.05 7.50 30.26
C ALA D 188 26.53 6.61 29.11
N THR D 189 25.59 5.97 28.42
CA THR D 189 25.96 5.11 27.30
C THR D 189 26.63 5.91 26.19
N LEU D 190 26.11 7.09 25.87
CA LEU D 190 26.76 7.92 24.83
C LEU D 190 28.17 8.31 25.28
N GLY D 191 28.31 8.77 26.51
CA GLY D 191 29.61 9.14 27.06
C GLY D 191 30.57 7.96 26.99
N GLU D 192 30.09 6.79 27.36
CA GLU D 192 30.92 5.59 27.27
C GLU D 192 31.37 5.33 25.83
N LEU D 193 30.46 5.46 24.86
CA LEU D 193 30.83 5.14 23.47
C LEU D 193 31.78 6.17 22.83
N LEU D 194 31.83 7.38 23.37
CA LEU D 194 32.70 8.45 22.87
C LEU D 194 34.00 8.64 23.69
N ARG D 195 34.20 7.80 24.69
CA ARG D 195 35.40 7.86 25.53
C ARG D 195 36.65 7.49 24.73
N HIS D 196 37.77 8.11 25.08
CA HIS D 196 39.08 7.82 24.46
C HIS D 196 39.02 7.85 22.94
N MET E 6 35.82 -36.85 38.12
CA MET E 6 35.29 -36.47 39.42
C MET E 6 36.15 -35.39 40.11
N LYS E 7 35.63 -34.16 40.07
CA LYS E 7 36.30 -33.01 40.65
C LYS E 7 35.35 -32.29 41.62
N PRO E 8 35.91 -31.57 42.62
CA PRO E 8 35.08 -30.79 43.54
C PRO E 8 34.41 -29.56 42.90
N GLN E 9 33.12 -29.68 42.61
CA GLN E 9 32.40 -28.59 41.96
C GLN E 9 31.64 -27.71 42.93
N ILE E 10 31.57 -26.44 42.59
CA ILE E 10 30.98 -25.42 43.44
C ILE E 10 29.52 -25.71 43.74
N ARG E 11 28.81 -26.30 42.77
CA ARG E 11 27.41 -26.57 42.95
C ARG E 11 27.16 -27.60 44.05
N ASN E 12 28.20 -28.36 44.39
CA ASN E 12 28.12 -29.33 45.49
C ASN E 12 28.22 -28.65 46.85
N MET E 13 28.80 -27.44 46.87
CA MET E 13 29.03 -26.73 48.11
C MET E 13 27.88 -25.82 48.53
N VAL E 14 26.80 -25.82 47.75
CA VAL E 14 25.71 -24.88 48.04
C VAL E 14 24.33 -25.50 47.91
N GLU E 15 23.34 -24.76 48.40
CA GLU E 15 21.94 -25.08 48.15
C GLU E 15 21.48 -24.27 46.94
N PRO E 16 21.54 -24.88 45.74
CA PRO E 16 21.33 -24.21 44.45
C PRO E 16 19.94 -23.64 44.33
N MET E 17 19.77 -22.54 43.59
CA MET E 17 18.45 -21.93 43.51
C MET E 17 17.70 -22.44 42.29
N ASP E 18 16.37 -22.28 42.34
CA ASP E 18 15.50 -22.48 41.19
C ASP E 18 15.99 -21.66 40.01
N PRO E 19 15.87 -22.20 38.79
CA PRO E 19 16.01 -21.41 37.57
C PRO E 19 15.14 -20.18 37.61
N ARG E 20 13.93 -20.33 38.15
CA ARG E 20 12.97 -19.24 38.23
C ARG E 20 13.46 -18.11 39.15
N THR E 21 14.00 -18.47 40.30
CA THR E 21 14.50 -17.47 41.26
C THR E 21 15.69 -16.74 40.66
N PHE E 22 16.42 -17.45 39.79
CA PHE E 22 17.59 -16.88 39.12
C PHE E 22 17.24 -15.81 38.06
N VAL E 23 16.30 -16.09 37.17
CA VAL E 23 16.06 -15.20 36.03
C VAL E 23 14.81 -14.35 36.06
N SER E 24 13.91 -14.59 37.02
CA SER E 24 12.61 -13.93 36.99
C SER E 24 12.70 -12.40 37.08
N ASN E 25 13.80 -11.88 37.63
CA ASN E 25 13.91 -10.42 37.70
C ASN E 25 14.28 -9.75 36.37
N PHE E 26 14.82 -10.52 35.44
CA PHE E 26 15.46 -9.94 34.26
C PHE E 26 14.79 -10.36 32.97
N ASN E 27 14.30 -11.59 32.98
CA ASN E 27 13.74 -12.25 31.81
C ASN E 27 12.52 -11.51 31.28
N ASN E 28 12.66 -10.95 30.08
CA ASN E 28 11.61 -10.15 29.45
C ASN E 28 11.03 -9.12 30.41
N ARG E 29 11.92 -8.27 30.94
CA ARG E 29 11.52 -7.23 31.89
C ARG E 29 12.47 -6.03 31.81
N PRO E 30 11.92 -4.84 31.47
CA PRO E 30 12.73 -3.61 31.32
C PRO E 30 13.53 -3.25 32.58
N ILE E 31 14.64 -2.56 32.40
CA ILE E 31 15.59 -2.24 33.47
C ILE E 31 14.89 -1.57 34.65
N LEU E 32 13.87 -0.78 34.35
CA LEU E 32 13.07 -0.11 35.37
C LEU E 32 11.86 -0.95 35.78
N SER E 33 12.11 -2.02 36.52
CA SER E 33 11.03 -2.89 36.99
C SER E 33 11.07 -3.10 38.49
N GLY E 34 10.05 -3.77 38.99
CA GLY E 34 10.02 -4.24 40.36
C GLY E 34 10.70 -5.60 40.38
N LEU E 35 10.92 -6.13 41.57
CA LEU E 35 11.74 -7.32 41.74
C LEU E 35 10.90 -8.44 42.36
N ASP E 36 11.17 -9.70 42.00
CA ASP E 36 10.52 -10.85 42.63
C ASP E 36 11.41 -11.49 43.72
N THR E 37 12.72 -11.52 43.47
CA THR E 37 13.67 -12.10 44.40
C THR E 37 14.93 -11.24 44.53
N VAL E 38 15.72 -11.56 45.54
CA VAL E 38 17.01 -10.92 45.70
C VAL E 38 17.98 -12.02 46.05
N TRP E 39 19.09 -12.11 45.32
CA TRP E 39 20.08 -13.13 45.65
C TRP E 39 21.50 -12.62 45.59
N LEU E 40 22.35 -13.26 46.37
CA LEU E 40 23.77 -13.03 46.37
C LEU E 40 24.45 -14.39 46.37
N CYS E 41 25.17 -14.69 45.29
CA CYS E 41 25.98 -15.91 45.22
C CYS E 41 27.43 -15.54 45.44
N CYS E 42 28.07 -16.12 46.45
CA CYS E 42 29.46 -15.77 46.66
C CYS E 42 30.41 -16.95 46.56
N GLU E 43 31.65 -16.62 46.24
CA GLU E 43 32.69 -17.61 46.05
C GLU E 43 33.89 -17.10 46.80
N VAL E 44 34.55 -17.99 47.56
CA VAL E 44 35.78 -17.65 48.27
C VAL E 44 36.97 -18.39 47.66
N LYS E 45 38.04 -17.65 47.38
CA LYS E 45 39.23 -18.28 46.83
C LYS E 45 40.47 -17.75 47.53
N THR E 46 41.60 -18.36 47.21
CA THR E 46 42.90 -17.91 47.68
C THR E 46 43.45 -16.90 46.69
N LYS E 47 44.55 -16.24 47.08
CA LYS E 47 45.21 -15.25 46.23
C LYS E 47 45.40 -15.75 44.80
N ASP E 48 45.77 -17.01 44.64
CA ASP E 48 45.96 -17.60 43.32
C ASP E 48 44.73 -18.36 42.88
N PRO E 49 44.10 -17.91 41.78
CA PRO E 49 42.88 -18.52 41.24
C PRO E 49 43.22 -19.75 40.41
N SER E 50 44.26 -20.47 40.83
CA SER E 50 44.84 -21.57 40.08
C SER E 50 43.82 -22.67 39.76
N GLY E 51 42.67 -22.62 40.43
CA GLY E 51 41.66 -23.66 40.31
C GLY E 51 41.08 -24.27 41.58
N PRO E 52 41.52 -23.82 42.78
CA PRO E 52 40.72 -24.38 43.88
C PRO E 52 39.76 -23.37 44.47
N PRO E 53 38.44 -23.58 44.29
CA PRO E 53 37.48 -22.76 45.02
C PRO E 53 37.28 -23.33 46.42
N LEU E 54 37.50 -22.51 47.42
CA LEU E 54 37.55 -22.97 48.81
C LEU E 54 36.18 -23.23 49.36
N ASP E 55 35.30 -22.26 49.19
CA ASP E 55 33.95 -22.35 49.74
C ASP E 55 33.03 -21.43 48.96
N ALA E 56 31.73 -21.66 49.09
CA ALA E 56 30.77 -20.84 48.37
C ALA E 56 29.49 -20.88 49.12
N LYS E 57 28.65 -19.87 48.91
CA LYS E 57 27.36 -19.84 49.58
C LYS E 57 26.40 -18.89 48.86
N ILE E 58 25.12 -19.23 48.96
CA ILE E 58 24.05 -18.49 48.33
C ILE E 58 23.16 -17.85 49.37
N PHE E 59 22.94 -16.56 49.25
CA PHE E 59 21.99 -15.91 50.14
C PHE E 59 20.85 -15.42 49.28
N GLN E 60 19.69 -16.05 49.43
CA GLN E 60 18.53 -15.74 48.61
C GLN E 60 17.32 -15.44 49.49
N GLY E 61 16.31 -14.83 48.91
CA GLY E 61 15.08 -14.54 49.62
C GLY E 61 14.11 -13.80 48.73
N LYS E 62 12.81 -14.01 48.96
CA LYS E 62 11.79 -13.23 48.26
C LYS E 62 11.93 -11.76 48.66
N VAL E 63 11.54 -10.85 47.76
CA VAL E 63 12.08 -9.49 47.77
C VAL E 63 11.78 -8.58 48.93
N TYR E 64 12.66 -7.59 49.03
CA TYR E 64 12.61 -6.54 50.03
C TYR E 64 12.64 -7.13 51.42
N PRO E 65 13.79 -7.73 51.79
CA PRO E 65 13.99 -7.94 53.22
C PRO E 65 14.33 -6.58 53.83
N LYS E 66 14.25 -6.46 55.14
CA LYS E 66 14.62 -5.21 55.79
C LYS E 66 16.13 -5.20 55.95
N ALA E 67 16.68 -4.02 56.24
CA ALA E 67 18.12 -3.76 56.15
C ALA E 67 19.04 -4.87 56.70
N LYS E 68 18.74 -5.33 57.92
CA LYS E 68 19.50 -6.38 58.60
C LYS E 68 19.67 -7.68 57.78
N TYR E 69 18.71 -7.97 56.91
CA TYR E 69 18.67 -9.25 56.21
C TYR E 69 18.91 -9.10 54.73
N HIS E 70 19.40 -7.93 54.33
CA HIS E 70 19.88 -7.78 52.96
C HIS E 70 20.96 -8.81 52.77
N PRO E 71 20.95 -9.49 51.61
CA PRO E 71 21.92 -10.56 51.34
C PRO E 71 23.36 -10.12 51.66
N GLU E 72 23.68 -8.85 51.41
CA GLU E 72 25.01 -8.35 51.67
C GLU E 72 25.37 -8.49 53.14
N MET E 73 24.43 -8.17 54.03
CA MET E 73 24.65 -8.24 55.48
C MET E 73 24.72 -9.68 55.97
N ARG E 74 23.82 -10.51 55.45
CA ARG E 74 23.82 -11.92 55.74
C ARG E 74 25.23 -12.46 55.38
N PHE E 75 25.72 -12.09 54.21
CA PHE E 75 27.08 -12.46 53.83
C PHE E 75 28.14 -12.01 54.83
N LEU E 76 28.05 -10.78 55.30
CA LEU E 76 29.06 -10.28 56.21
C LEU E 76 29.08 -11.05 57.53
N ARG E 77 27.90 -11.40 58.04
CA ARG E 77 27.85 -12.17 59.28
C ARG E 77 28.48 -13.55 59.03
N TRP E 78 28.05 -14.21 57.96
CA TRP E 78 28.61 -15.53 57.61
C TRP E 78 30.11 -15.48 57.40
N PHE E 79 30.59 -14.49 56.65
CA PHE E 79 32.00 -14.48 56.28
C PHE E 79 32.90 -14.02 57.42
N HIS E 80 32.36 -13.27 58.37
CA HIS E 80 33.13 -12.89 59.57
C HIS E 80 33.47 -14.12 60.40
N LYS E 81 32.50 -15.00 60.59
CA LYS E 81 32.73 -16.25 61.30
C LYS E 81 33.64 -17.18 60.48
N TRP E 82 33.34 -17.31 59.18
CA TRP E 82 34.15 -18.14 58.27
C TRP E 82 35.63 -17.82 58.38
N ARG E 83 35.97 -16.54 58.42
CA ARG E 83 37.35 -16.11 58.53
C ARG E 83 38.05 -16.66 59.79
N GLN E 84 37.27 -16.81 60.86
CA GLN E 84 37.78 -17.25 62.15
C GLN E 84 37.85 -18.78 62.25
N LEU E 85 37.07 -19.49 61.45
CA LEU E 85 37.10 -20.95 61.45
C LEU E 85 38.05 -21.47 60.38
N HIS E 86 38.86 -20.58 59.82
CA HIS E 86 39.76 -20.96 58.73
C HIS E 86 41.14 -20.38 58.89
N HIS E 87 42.09 -21.03 58.23
CA HIS E 87 43.49 -20.63 58.22
C HIS E 87 43.61 -19.18 57.80
N ASP E 88 44.52 -18.46 58.46
CA ASP E 88 44.71 -17.07 58.10
C ASP E 88 45.65 -16.96 56.91
N GLN E 89 45.11 -16.49 55.78
CA GLN E 89 45.91 -16.11 54.60
C GLN E 89 45.19 -15.01 53.84
N GLU E 90 45.57 -14.79 52.59
CA GLU E 90 44.88 -13.80 51.78
C GLU E 90 43.76 -14.46 50.99
N TYR E 91 42.59 -13.83 50.99
CA TYR E 91 41.47 -14.35 50.23
C TYR E 91 40.89 -13.35 49.23
N LYS E 92 40.38 -13.89 48.12
CA LYS E 92 39.68 -13.10 47.11
C LYS E 92 38.23 -13.56 47.11
N VAL E 93 37.31 -12.62 47.37
CA VAL E 93 35.91 -12.97 47.35
C VAL E 93 35.22 -12.41 46.10
N THR E 94 34.42 -13.25 45.45
CA THR E 94 33.55 -12.81 44.34
C THR E 94 32.07 -12.87 44.72
N TRP E 95 31.32 -11.82 44.35
CA TRP E 95 29.87 -11.80 44.48
C TRP E 95 29.19 -11.81 43.12
N TYR E 96 28.09 -12.52 43.01
CA TYR E 96 27.12 -12.29 41.95
C TYR E 96 25.87 -11.85 42.67
N VAL E 97 25.47 -10.60 42.51
CA VAL E 97 24.38 -10.10 43.32
C VAL E 97 23.31 -9.50 42.40
N SER E 98 22.06 -9.74 42.73
CA SER E 98 20.99 -9.45 41.78
C SER E 98 20.59 -7.97 41.79
N TRP E 99 20.85 -7.27 42.88
CA TRP E 99 20.42 -5.88 42.98
C TRP E 99 21.55 -4.94 43.39
N SER E 100 21.23 -3.64 43.47
CA SER E 100 22.17 -2.60 43.89
C SER E 100 22.36 -2.57 45.40
N PRO E 101 23.60 -2.35 45.84
CA PRO E 101 23.87 -2.12 47.27
C PRO E 101 23.26 -0.80 47.74
N CYS E 102 22.50 -0.85 48.83
CA CYS E 102 22.05 0.34 49.54
C CYS E 102 23.24 0.95 50.29
N THR E 103 23.07 2.15 50.81
CA THR E 103 24.15 2.84 51.50
C THR E 103 24.60 2.13 52.78
N ARG E 104 23.62 1.60 53.52
CA ARG E 104 23.92 0.88 54.77
C ARG E 104 24.79 -0.34 54.50
N CYS E 105 24.44 -1.10 53.48
CA CYS E 105 25.22 -2.27 53.14
C CYS E 105 26.62 -1.86 52.69
N ALA E 106 26.71 -0.80 51.88
CA ALA E 106 28.00 -0.38 51.33
C ALA E 106 28.95 0.05 52.45
N ASN E 107 28.45 0.80 53.41
CA ASN E 107 29.26 1.21 54.56
C ASN E 107 29.72 0.04 55.42
N SER E 108 28.82 -0.90 55.70
CA SER E 108 29.20 -2.07 56.49
C SER E 108 30.25 -2.87 55.76
N VAL E 109 30.12 -2.98 54.44
CA VAL E 109 31.07 -3.74 53.65
C VAL E 109 32.43 -3.01 53.62
N ALA E 110 32.39 -1.69 53.52
CA ALA E 110 33.63 -0.92 53.45
C ALA E 110 34.43 -1.02 54.76
N THR E 111 33.75 -0.83 55.89
CA THR E 111 34.39 -0.91 57.19
C THR E 111 35.00 -2.29 57.34
N PHE E 112 34.26 -3.31 56.92
CA PHE E 112 34.79 -4.66 56.89
C PHE E 112 36.08 -4.77 56.07
N LEU E 113 36.10 -4.15 54.89
CA LEU E 113 37.25 -4.25 54.00
C LEU E 113 38.48 -3.57 54.60
N ALA E 114 38.23 -2.57 55.43
CA ALA E 114 39.29 -1.81 56.06
C ALA E 114 39.87 -2.55 57.28
N LYS E 115 39.01 -3.22 58.05
CA LYS E 115 39.46 -4.03 59.19
C LYS E 115 40.08 -5.36 58.79
N ASP E 116 39.98 -5.72 57.51
CA ASP E 116 40.49 -7.01 57.05
C ASP E 116 41.08 -6.87 55.64
N PRO E 117 42.23 -6.18 55.52
CA PRO E 117 42.84 -5.92 54.21
C PRO E 117 43.36 -7.14 53.49
N LYS E 118 43.38 -8.29 54.14
CA LYS E 118 43.84 -9.51 53.47
C LYS E 118 42.74 -10.10 52.59
N VAL E 119 41.57 -9.46 52.63
CA VAL E 119 40.45 -9.80 51.77
C VAL E 119 40.23 -8.74 50.68
N THR E 120 40.12 -9.20 49.44
CA THR E 120 39.67 -8.32 48.37
C THR E 120 38.37 -8.85 47.78
N LEU E 121 37.50 -7.92 47.41
CA LEU E 121 36.15 -8.22 46.95
C LEU E 121 35.89 -7.73 45.53
N THR E 122 35.36 -8.63 44.71
CA THR E 122 34.95 -8.33 43.36
C THR E 122 33.45 -8.52 43.32
N ILE E 123 32.70 -7.51 42.88
CA ILE E 123 31.24 -7.62 42.84
C ILE E 123 30.68 -7.53 41.42
N PHE E 124 29.93 -8.56 41.03
CA PHE E 124 29.17 -8.54 39.80
C PHE E 124 27.70 -8.31 40.07
N VAL E 125 27.15 -7.26 39.48
CA VAL E 125 25.77 -6.86 39.70
C VAL E 125 24.91 -7.17 38.46
N ALA E 126 23.79 -7.86 38.67
CA ALA E 126 22.88 -8.25 37.60
C ALA E 126 22.14 -7.05 36.97
N ARG E 127 21.69 -6.15 37.84
CA ARG E 127 20.87 -5.02 37.44
C ARG E 127 21.05 -3.96 38.51
N LEU E 128 21.27 -2.72 38.09
CA LEU E 128 21.29 -1.59 39.00
C LEU E 128 19.88 -1.13 39.30
N TYR E 129 19.62 -0.69 40.53
CA TYR E 129 18.32 -0.10 40.84
C TYR E 129 18.51 1.20 41.61
N TYR E 130 17.57 2.11 41.35
CA TYR E 130 17.55 3.43 41.97
C TYR E 130 18.83 4.17 41.66
N PHE E 131 19.37 3.94 40.47
CA PHE E 131 20.64 4.52 40.06
C PHE E 131 20.50 6.04 39.88
N TRP E 132 19.27 6.54 39.95
CA TRP E 132 19.01 7.98 39.89
C TRP E 132 18.92 8.58 41.29
N LYS E 133 18.84 7.72 42.31
CA LYS E 133 18.83 8.19 43.69
C LYS E 133 20.24 8.37 44.25
N PRO E 134 20.53 9.55 44.84
CA PRO E 134 21.84 9.94 45.36
C PRO E 134 22.47 8.96 46.36
N ASP E 135 21.69 8.39 47.28
CA ASP E 135 22.22 7.39 48.20
C ASP E 135 22.78 6.18 47.46
N TYR E 136 22.04 5.73 46.44
CA TYR E 136 22.44 4.53 45.71
C TYR E 136 23.65 4.77 44.84
N GLN E 137 23.73 5.95 44.25
CA GLN E 137 24.91 6.31 43.51
C GLN E 137 26.12 6.36 44.45
N GLN E 138 25.94 6.94 45.64
CA GLN E 138 27.04 7.07 46.59
C GLN E 138 27.50 5.71 47.14
N ALA E 139 26.56 4.82 47.42
CA ALA E 139 26.86 3.45 47.84
C ALA E 139 27.86 2.77 46.90
N LEU E 140 27.71 3.01 45.60
CA LEU E 140 28.63 2.46 44.62
C LEU E 140 30.02 3.08 44.78
N ARG E 141 30.07 4.38 44.99
CA ARG E 141 31.33 5.07 45.18
C ARG E 141 31.99 4.68 46.52
N ILE E 142 31.19 4.52 47.57
CA ILE E 142 31.67 4.05 48.88
C ILE E 142 32.38 2.70 48.77
N LEU E 143 31.81 1.78 48.00
CA LEU E 143 32.45 0.48 47.77
C LEU E 143 33.75 0.57 46.95
N ALA E 144 33.81 1.47 45.97
CA ALA E 144 35.01 1.57 45.13
C ALA E 144 36.16 2.18 45.94
N GLU E 145 35.81 3.23 46.67
CA GLU E 145 36.63 3.80 47.74
C GLU E 145 37.36 2.76 48.56
N ALA E 146 36.62 1.73 48.97
CA ALA E 146 37.14 0.73 49.90
C ALA E 146 37.91 -0.35 49.16
N GLY E 147 38.00 -0.24 47.84
CA GLY E 147 38.79 -1.17 47.06
C GLY E 147 38.02 -2.33 46.45
N ALA E 148 36.71 -2.37 46.67
CA ALA E 148 35.87 -3.36 45.99
C ALA E 148 35.83 -3.10 44.48
N THR E 149 35.92 -4.16 43.69
CA THR E 149 35.81 -4.09 42.25
C THR E 149 34.35 -4.33 41.81
N MET E 150 33.77 -3.38 41.09
CA MET E 150 32.38 -3.57 40.64
C MET E 150 32.25 -3.57 39.13
N LYS E 151 31.42 -4.49 38.63
CA LYS E 151 31.16 -4.63 37.21
C LYS E 151 29.74 -5.15 37.08
N ILE E 152 29.10 -4.86 35.96
CA ILE E 152 27.76 -5.37 35.66
C ILE E 152 27.88 -6.78 35.07
N MET E 153 26.95 -7.66 35.39
CA MET E 153 26.99 -9.00 34.85
C MET E 153 26.68 -9.01 33.36
N ASN E 154 27.60 -9.59 32.59
CA ASN E 154 27.42 -9.82 31.17
C ASN E 154 27.02 -11.30 30.98
N TYR E 155 26.95 -11.74 29.72
CA TYR E 155 26.57 -13.12 29.40
C TYR E 155 27.42 -14.17 30.13
N ASN E 156 28.74 -14.03 30.05
CA ASN E 156 29.65 -14.95 30.69
C ASN E 156 29.38 -15.11 32.18
N GLU E 157 29.10 -14.00 32.85
CA GLU E 157 28.85 -14.05 34.28
C GLU E 157 27.52 -14.70 34.62
N PHE E 158 26.47 -14.39 33.87
CA PHE E 158 25.22 -15.09 34.11
C PHE E 158 25.45 -16.59 33.86
N GLN E 159 26.17 -16.92 32.80
CA GLN E 159 26.41 -18.32 32.44
C GLN E 159 27.18 -19.03 33.54
N ASP E 160 28.28 -18.43 33.99
CA ASP E 160 29.05 -18.95 35.12
C ASP E 160 28.18 -19.11 36.37
N CYS E 161 27.35 -18.11 36.64
CA CYS E 161 26.50 -18.14 37.83
C CYS E 161 25.45 -19.25 37.71
N TRP E 162 24.97 -19.49 36.51
CA TRP E 162 24.04 -20.56 36.23
C TRP E 162 24.71 -21.93 36.45
N ASN E 163 25.97 -22.06 36.00
CA ASN E 163 26.73 -23.30 36.14
C ASN E 163 27.02 -23.66 37.58
N LYS E 164 27.42 -22.66 38.37
CA LYS E 164 27.88 -22.89 39.73
C LYS E 164 26.79 -22.87 40.78
N PHE E 165 25.69 -22.14 40.55
CA PHE E 165 24.75 -21.88 41.62
C PHE E 165 23.29 -22.18 41.32
N VAL E 166 22.98 -22.61 40.10
CA VAL E 166 21.60 -22.88 39.75
C VAL E 166 21.35 -24.37 39.53
N ASP E 167 20.18 -24.81 39.99
CA ASP E 167 19.72 -26.18 39.79
C ASP E 167 19.28 -26.35 38.34
N GLY E 168 20.26 -26.52 37.46
CA GLY E 168 20.02 -26.52 36.02
C GLY E 168 19.74 -27.87 35.39
N ARG E 169 20.04 -28.94 36.12
CA ARG E 169 19.75 -30.31 35.69
C ARG E 169 20.32 -30.62 34.32
N GLY E 170 21.60 -30.28 34.13
CA GLY E 170 22.26 -30.50 32.84
C GLY E 170 21.95 -29.44 31.81
N LYS E 171 20.71 -28.96 31.81
CA LYS E 171 20.26 -27.89 30.90
C LYS E 171 21.20 -26.70 30.97
N PRO E 172 21.46 -26.06 29.82
CA PRO E 172 22.41 -24.94 29.76
C PRO E 172 21.75 -23.59 30.06
N PHE E 173 22.58 -22.56 30.16
CA PHE E 173 22.07 -21.22 30.36
C PHE E 173 21.31 -20.76 29.11
N LYS E 174 20.09 -20.30 29.33
CA LYS E 174 19.23 -19.81 28.26
C LYS E 174 19.01 -18.28 28.35
N PRO E 175 19.93 -17.49 27.79
CA PRO E 175 19.92 -16.02 27.86
C PRO E 175 18.67 -15.37 27.25
N TRP E 176 18.19 -14.29 27.87
CA TRP E 176 17.05 -13.54 27.33
C TRP E 176 17.55 -12.52 26.31
N ASN E 177 16.65 -12.02 25.48
CA ASN E 177 17.06 -11.22 24.33
C ASN E 177 17.72 -9.89 24.67
N ASN E 178 17.21 -9.21 25.67
CA ASN E 178 17.74 -7.91 26.00
C ASN E 178 19.00 -7.96 26.87
N LEU E 179 19.52 -9.17 27.12
CA LEU E 179 20.62 -9.30 28.08
C LEU E 179 21.84 -8.46 27.66
N PRO E 180 22.31 -8.56 26.40
CA PRO E 180 23.49 -7.71 26.12
C PRO E 180 23.17 -6.20 26.02
N LYS E 181 21.92 -5.88 25.70
CA LYS E 181 21.51 -4.49 25.59
C LYS E 181 21.44 -3.83 26.96
N HIS E 182 20.86 -4.56 27.92
CA HIS E 182 20.80 -4.15 29.30
C HIS E 182 22.21 -3.99 29.87
N TYR E 183 23.09 -4.92 29.52
CA TYR E 183 24.48 -4.84 29.99
C TYR E 183 25.16 -3.54 29.57
N THR E 184 25.09 -3.18 28.29
CA THR E 184 25.76 -1.99 27.75
C THR E 184 25.28 -0.73 28.45
N LEU E 185 23.96 -0.61 28.61
CA LEU E 185 23.35 0.52 29.31
C LEU E 185 23.81 0.60 30.77
N LEU E 186 23.79 -0.54 31.46
CA LEU E 186 24.06 -0.57 32.89
C LEU E 186 25.55 -0.41 33.15
N GLN E 187 26.39 -1.06 32.34
CA GLN E 187 27.85 -0.91 32.48
C GLN E 187 28.29 0.54 32.26
N ALA E 188 27.68 1.23 31.29
CA ALA E 188 28.01 2.65 31.06
C ALA E 188 27.54 3.53 32.23
N THR E 189 26.39 3.21 32.80
CA THR E 189 25.85 3.98 33.91
C THR E 189 26.71 3.81 35.20
N LEU E 190 27.12 2.57 35.49
CA LEU E 190 28.06 2.29 36.56
C LEU E 190 29.36 3.07 36.36
N GLY E 191 29.95 2.98 35.18
CA GLY E 191 31.16 3.72 34.86
C GLY E 191 31.00 5.20 35.15
N GLU E 192 29.86 5.74 34.73
CA GLU E 192 29.54 7.14 34.90
C GLU E 192 29.43 7.55 36.36
N LEU E 193 28.67 6.76 37.13
CA LEU E 193 28.45 7.03 38.55
C LEU E 193 29.77 7.00 39.31
N LEU E 194 30.71 6.15 38.88
CA LEU E 194 31.97 5.96 39.63
C LEU E 194 32.98 7.09 39.37
N ARG E 195 32.98 7.59 38.14
CA ARG E 195 33.85 8.67 37.69
C ARG E 195 33.38 10.06 38.16
N HIS E 196 32.07 10.22 38.31
CA HIS E 196 31.49 11.56 38.51
C HIS E 196 30.78 11.76 39.84
N ASN G 12 13.03 -23.27 -53.43
CA ASN G 12 13.54 -23.90 -52.22
C ASN G 12 13.56 -25.42 -52.28
N MET G 13 14.02 -26.05 -51.20
CA MET G 13 13.80 -27.47 -50.99
C MET G 13 13.52 -27.73 -49.52
N VAL G 14 12.24 -27.81 -49.20
CA VAL G 14 11.81 -28.19 -47.88
C VAL G 14 11.17 -29.55 -48.04
N GLU G 15 11.16 -30.35 -46.99
CA GLU G 15 10.31 -31.52 -47.00
C GLU G 15 8.89 -31.02 -46.78
N PRO G 16 8.09 -30.91 -47.85
CA PRO G 16 6.83 -30.17 -47.73
C PRO G 16 5.81 -30.91 -46.89
N MET G 17 4.73 -30.25 -46.52
CA MET G 17 3.70 -30.96 -45.79
C MET G 17 2.62 -31.41 -46.76
N ASP G 18 1.89 -32.43 -46.33
CA ASP G 18 0.74 -32.95 -47.06
C ASP G 18 -0.37 -31.91 -47.20
N PRO G 19 -0.98 -31.80 -48.39
CA PRO G 19 -2.17 -30.96 -48.58
C PRO G 19 -3.23 -31.08 -47.47
N ARG G 20 -3.52 -32.30 -47.05
CA ARG G 20 -4.55 -32.54 -46.04
C ARG G 20 -4.08 -32.09 -44.66
N THR G 21 -2.77 -32.11 -44.44
CA THR G 21 -2.24 -31.60 -43.21
C THR G 21 -2.41 -30.07 -43.20
N PHE G 22 -2.23 -29.45 -44.36
CA PHE G 22 -2.33 -28.01 -44.46
C PHE G 22 -3.74 -27.52 -44.21
N VAL G 23 -4.64 -27.98 -45.07
CA VAL G 23 -6.05 -27.60 -45.09
C VAL G 23 -6.72 -27.79 -43.74
N SER G 24 -6.31 -28.83 -43.04
CA SER G 24 -6.90 -29.13 -41.76
C SER G 24 -6.27 -28.27 -40.64
N ASN G 25 -4.95 -28.06 -40.68
CA ASN G 25 -4.30 -27.26 -39.64
C ASN G 25 -4.23 -25.74 -39.89
N PHE G 26 -4.47 -25.26 -41.10
CA PHE G 26 -4.37 -23.85 -41.33
C PHE G 26 -5.76 -23.25 -41.61
N ASN G 27 -6.77 -24.10 -41.55
CA ASN G 27 -8.18 -23.67 -41.51
C ASN G 27 -8.34 -22.56 -40.46
N ASN G 28 -9.02 -21.47 -40.80
CA ASN G 28 -8.99 -20.35 -39.87
C ASN G 28 -10.31 -20.04 -39.14
N ARG G 29 -11.17 -21.03 -38.97
CA ARG G 29 -12.24 -20.90 -37.99
C ARG G 29 -11.63 -20.51 -36.66
N PRO G 30 -12.17 -19.46 -36.03
CA PRO G 30 -11.54 -18.89 -34.84
C PRO G 30 -11.65 -19.80 -33.64
N ILE G 31 -12.76 -20.50 -33.55
CA ILE G 31 -13.02 -21.38 -32.43
C ILE G 31 -13.08 -22.77 -33.00
N LEU G 32 -12.10 -23.58 -32.63
CA LEU G 32 -11.83 -24.80 -33.37
C LEU G 32 -11.48 -25.90 -32.42
N SER G 33 -11.99 -27.09 -32.70
CA SER G 33 -11.76 -28.24 -31.82
C SER G 33 -10.92 -29.31 -32.52
N GLY G 34 -10.09 -30.00 -31.74
CA GLY G 34 -9.38 -31.16 -32.23
C GLY G 34 -8.14 -30.87 -33.06
N LEU G 35 -7.49 -29.75 -32.76
CA LEU G 35 -6.20 -29.44 -33.37
C LEU G 35 -5.20 -29.25 -32.26
N ASP G 36 -4.56 -30.33 -31.87
CA ASP G 36 -3.60 -30.30 -30.78
C ASP G 36 -2.20 -29.93 -31.26
N THR G 37 -2.01 -29.89 -32.57
CA THR G 37 -0.68 -29.60 -33.10
C THR G 37 -0.56 -28.17 -33.59
N VAL G 38 0.55 -27.53 -33.22
CA VAL G 38 0.99 -26.28 -33.80
C VAL G 38 1.92 -26.55 -34.97
N TRP G 39 1.67 -25.89 -36.10
CA TRP G 39 2.53 -25.95 -37.27
C TRP G 39 3.18 -24.62 -37.55
N LEU G 40 4.49 -24.66 -37.79
CA LEU G 40 5.25 -23.46 -38.06
C LEU G 40 6.05 -23.61 -39.34
N CYS G 41 5.73 -22.82 -40.35
CA CYS G 41 6.54 -22.75 -41.56
C CYS G 41 7.41 -21.50 -41.51
N CYS G 42 8.72 -21.65 -41.64
CA CYS G 42 9.54 -20.45 -41.57
C CYS G 42 10.44 -20.23 -42.79
N GLU G 43 10.80 -18.97 -42.99
CA GLU G 43 11.59 -18.55 -44.13
C GLU G 43 12.64 -17.55 -43.65
N VAL G 44 13.88 -17.77 -44.04
CA VAL G 44 14.93 -16.81 -43.71
C VAL G 44 15.45 -16.11 -44.95
N LYS G 45 15.54 -14.79 -44.85
CA LYS G 45 16.06 -13.96 -45.94
C LYS G 45 17.07 -12.96 -45.40
N THR G 46 17.67 -12.18 -46.30
CA THR G 46 18.48 -11.07 -45.87
C THR G 46 17.60 -9.84 -45.93
N LYS G 47 18.03 -8.75 -45.30
CA LYS G 47 17.25 -7.50 -45.28
C LYS G 47 17.14 -6.88 -46.69
N ASP G 48 17.59 -7.63 -47.68
CA ASP G 48 17.36 -7.34 -49.10
C ASP G 48 16.02 -7.95 -49.50
N PRO G 49 15.00 -7.10 -49.71
CA PRO G 49 13.67 -7.60 -50.11
C PRO G 49 13.59 -8.14 -51.54
N SER G 50 14.73 -8.23 -52.23
CA SER G 50 14.80 -8.88 -53.52
C SER G 50 15.41 -10.27 -53.39
N GLY G 51 16.27 -10.41 -52.38
CA GLY G 51 17.00 -11.63 -52.12
C GLY G 51 16.14 -12.87 -52.05
N PRO G 52 16.68 -14.01 -52.53
CA PRO G 52 15.96 -15.29 -52.50
C PRO G 52 15.95 -15.88 -51.09
N PRO G 53 15.07 -16.85 -50.83
CA PRO G 53 15.08 -17.54 -49.53
C PRO G 53 16.42 -18.24 -49.26
N LEU G 54 17.06 -17.88 -48.16
CA LEU G 54 18.30 -18.53 -47.75
C LEU G 54 18.03 -19.97 -47.37
N ASP G 55 17.08 -20.17 -46.47
CA ASP G 55 16.62 -21.50 -46.08
C ASP G 55 15.15 -21.45 -45.68
N ALA G 56 14.59 -22.60 -45.29
CA ALA G 56 13.16 -22.71 -45.04
C ALA G 56 12.85 -24.05 -44.40
N LYS G 57 12.27 -24.02 -43.21
CA LYS G 57 11.94 -25.25 -42.52
C LYS G 57 10.49 -25.28 -42.02
N ILE G 58 10.06 -26.48 -41.65
CA ILE G 58 8.74 -26.76 -41.12
C ILE G 58 8.91 -27.42 -39.77
N PHE G 59 8.27 -26.90 -38.74
CA PHE G 59 8.30 -27.54 -37.43
C PHE G 59 6.91 -27.80 -36.94
N GLN G 60 6.72 -28.97 -36.33
CA GLN G 60 5.46 -29.30 -35.69
C GLN G 60 5.72 -29.58 -34.19
N GLY G 61 4.68 -29.51 -33.39
CA GLY G 61 4.79 -29.78 -31.97
C GLY G 61 3.43 -29.71 -31.33
N LYS G 62 3.07 -30.77 -30.59
CA LYS G 62 1.84 -30.76 -29.80
C LYS G 62 1.87 -29.55 -28.86
N VAL G 63 0.73 -28.89 -28.68
CA VAL G 63 0.66 -27.75 -27.78
C VAL G 63 0.64 -28.22 -26.31
N TYR G 64 0.60 -29.54 -26.15
CA TYR G 64 0.57 -30.18 -24.83
C TYR G 64 1.84 -29.88 -24.00
N PRO G 65 1.64 -29.64 -22.67
CA PRO G 65 2.48 -28.97 -21.67
C PRO G 65 3.94 -28.63 -21.99
N LYS G 66 4.77 -29.58 -22.44
CA LYS G 66 6.20 -29.27 -22.51
C LYS G 66 6.50 -28.25 -23.60
N ALA G 67 6.50 -26.98 -23.20
CA ALA G 67 6.62 -25.88 -24.14
C ALA G 67 7.98 -25.82 -24.82
N LYS G 68 8.94 -26.61 -24.37
CA LYS G 68 10.24 -26.63 -25.03
C LYS G 68 10.17 -27.45 -26.33
N TYR G 69 9.14 -28.28 -26.44
CA TYR G 69 8.88 -29.05 -27.64
C TYR G 69 7.84 -28.35 -28.53
N HIS G 70 7.58 -27.08 -28.23
CA HIS G 70 6.81 -26.21 -29.11
C HIS G 70 7.66 -25.76 -30.28
N PRO G 71 7.08 -25.74 -31.49
CA PRO G 71 7.80 -25.46 -32.72
C PRO G 71 8.53 -24.12 -32.70
N GLU G 72 8.05 -23.15 -31.92
CA GLU G 72 8.77 -21.90 -31.75
C GLU G 72 10.15 -22.16 -31.14
N MET G 73 10.20 -22.99 -30.10
CA MET G 73 11.47 -23.32 -29.44
C MET G 73 12.43 -24.03 -30.38
N ARG G 74 11.94 -25.09 -31.02
CA ARG G 74 12.72 -25.83 -32.02
C ARG G 74 13.31 -24.89 -33.07
N PHE G 75 12.54 -23.86 -33.45
CA PHE G 75 13.05 -22.91 -34.45
C PHE G 75 14.23 -22.16 -33.88
N LEU G 76 14.15 -21.85 -32.59
CA LEU G 76 15.15 -20.98 -31.97
C LEU G 76 16.54 -21.65 -31.99
N ARG G 77 16.58 -22.88 -31.51
CA ARG G 77 17.77 -23.72 -31.58
C ARG G 77 18.30 -23.84 -33.01
N TRP G 78 17.41 -24.28 -33.90
CA TRP G 78 17.80 -24.50 -35.28
C TRP G 78 18.44 -23.26 -35.84
N PHE G 79 17.91 -22.11 -35.45
CA PHE G 79 18.35 -20.86 -36.02
C PHE G 79 19.69 -20.40 -35.44
N HIS G 80 20.02 -20.90 -34.24
CA HIS G 80 21.29 -20.54 -33.65
C HIS G 80 22.41 -21.31 -34.33
N LYS G 81 22.26 -22.64 -34.40
CA LYS G 81 23.21 -23.49 -35.09
C LYS G 81 23.30 -23.11 -36.56
N TRP G 82 22.19 -22.61 -37.11
CA TRP G 82 22.19 -22.14 -38.48
C TRP G 82 22.94 -20.81 -38.59
N ARG G 83 22.73 -19.92 -37.62
CA ARG G 83 23.38 -18.60 -37.65
C ARG G 83 24.90 -18.71 -37.41
N GLN G 84 25.33 -19.74 -36.69
CA GLN G 84 26.75 -19.99 -36.45
C GLN G 84 27.43 -20.46 -37.74
N LEU G 85 26.80 -21.38 -38.45
CA LEU G 85 27.28 -21.86 -39.74
C LEU G 85 27.30 -20.75 -40.81
N HIS G 86 27.01 -19.53 -40.39
CA HIS G 86 26.92 -18.41 -41.31
C HIS G 86 27.55 -17.13 -40.74
N HIS G 87 27.31 -16.04 -41.46
CA HIS G 87 28.01 -14.79 -41.29
C HIS G 87 27.07 -13.78 -40.66
N ASP G 88 27.59 -12.94 -39.76
CA ASP G 88 26.76 -11.94 -39.11
C ASP G 88 26.23 -10.92 -40.12
N GLN G 89 24.91 -10.99 -40.39
CA GLN G 89 24.25 -10.05 -41.29
C GLN G 89 22.78 -9.87 -40.89
N GLU G 90 22.07 -9.01 -41.61
CA GLU G 90 20.69 -8.66 -41.26
C GLU G 90 19.66 -9.64 -41.85
N TYR G 91 19.07 -10.45 -40.97
CA TYR G 91 18.11 -11.47 -41.40
C TYR G 91 16.65 -11.08 -41.18
N LYS G 92 15.86 -11.18 -42.23
CA LYS G 92 14.40 -11.08 -42.13
C LYS G 92 13.76 -12.47 -42.02
N VAL G 93 13.35 -12.84 -40.82
CA VAL G 93 12.61 -14.08 -40.64
C VAL G 93 11.10 -13.86 -40.81
N THR G 94 10.45 -14.75 -41.56
CA THR G 94 8.99 -14.77 -41.60
C THR G 94 8.45 -16.13 -41.15
N TRP G 95 7.39 -16.11 -40.34
CA TRP G 95 6.65 -17.30 -39.90
C TRP G 95 5.21 -17.37 -40.39
N TYR G 96 4.76 -18.57 -40.76
CA TYR G 96 3.35 -18.89 -40.93
C TYR G 96 3.02 -19.93 -39.91
N VAL G 97 2.20 -19.58 -38.94
CA VAL G 97 2.00 -20.47 -37.84
C VAL G 97 0.50 -20.71 -37.68
N SER G 98 0.12 -21.93 -37.30
CA SER G 98 -1.28 -22.33 -37.31
C SER G 98 -2.03 -21.81 -36.07
N TRP G 99 -1.37 -21.87 -34.92
CA TRP G 99 -1.82 -21.22 -33.67
C TRP G 99 -0.81 -20.14 -33.28
N SER G 100 -1.31 -19.02 -32.75
CA SER G 100 -0.45 -17.99 -32.17
C SER G 100 0.31 -18.54 -30.97
N PRO G 101 1.47 -17.94 -30.62
CA PRO G 101 2.34 -18.43 -29.54
C PRO G 101 1.73 -18.46 -28.15
N CYS G 102 2.06 -19.51 -27.40
CA CYS G 102 1.71 -19.55 -25.98
C CYS G 102 2.55 -18.52 -25.21
N THR G 103 2.18 -18.32 -23.95
CA THR G 103 2.83 -17.34 -23.09
C THR G 103 4.36 -17.52 -22.98
N ARG G 104 4.80 -18.76 -22.75
CA ARG G 104 6.22 -19.06 -22.58
C ARG G 104 7.07 -18.85 -23.84
N CYS G 105 6.54 -19.24 -25.00
CA CYS G 105 7.26 -19.05 -26.26
C CYS G 105 7.40 -17.57 -26.60
N ALA G 106 6.36 -16.81 -26.34
CA ALA G 106 6.40 -15.37 -26.54
C ALA G 106 7.56 -14.75 -25.75
N ASN G 107 7.67 -15.11 -24.47
CA ASN G 107 8.83 -14.70 -23.68
C ASN G 107 10.16 -15.05 -24.37
N SER G 108 10.30 -16.32 -24.75
CA SER G 108 11.56 -16.80 -25.32
C SER G 108 11.88 -16.09 -26.63
N VAL G 109 10.84 -15.82 -27.41
CA VAL G 109 11.03 -15.21 -28.72
C VAL G 109 11.36 -13.73 -28.58
N ALA G 110 10.69 -13.06 -27.63
CA ALA G 110 10.99 -11.66 -27.35
C ALA G 110 12.44 -11.52 -26.88
N THR G 111 12.83 -12.36 -25.92
CA THR G 111 14.21 -12.35 -25.42
C THR G 111 15.20 -12.49 -26.56
N PHE G 112 14.94 -13.42 -27.48
CA PHE G 112 15.80 -13.63 -28.63
C PHE G 112 15.93 -12.37 -29.47
N LEU G 113 14.81 -11.74 -29.78
CA LEU G 113 14.83 -10.57 -30.63
C LEU G 113 15.56 -9.41 -29.97
N ALA G 114 15.51 -9.38 -28.63
CA ALA G 114 16.24 -8.38 -27.88
C ALA G 114 17.74 -8.50 -28.12
N LYS G 115 18.31 -9.64 -27.74
CA LYS G 115 19.76 -9.84 -27.85
C LYS G 115 20.25 -10.07 -29.28
N ASP G 116 19.49 -9.61 -30.29
CA ASP G 116 19.96 -9.72 -31.68
C ASP G 116 19.16 -8.81 -32.61
N PRO G 117 19.42 -7.50 -32.54
CA PRO G 117 18.71 -6.49 -33.33
C PRO G 117 18.94 -6.58 -34.83
N LYS G 118 19.67 -7.59 -35.29
CA LYS G 118 19.95 -7.71 -36.73
C LYS G 118 19.00 -8.71 -37.38
N VAL G 119 18.09 -9.27 -36.60
CA VAL G 119 17.02 -10.10 -37.15
C VAL G 119 15.64 -9.46 -36.91
N THR G 120 14.89 -9.24 -37.98
CA THR G 120 13.50 -8.81 -37.85
C THR G 120 12.55 -9.99 -38.11
N LEU G 121 11.71 -10.28 -37.13
CA LEU G 121 10.72 -11.37 -37.20
C LEU G 121 9.32 -10.86 -37.57
N THR G 122 8.69 -11.55 -38.52
CA THR G 122 7.31 -11.26 -38.90
C THR G 122 6.49 -12.53 -38.73
N ILE G 123 5.51 -12.51 -37.84
CA ILE G 123 4.68 -13.69 -37.58
C ILE G 123 3.26 -13.56 -38.18
N PHE G 124 2.97 -14.41 -39.16
CA PHE G 124 1.64 -14.54 -39.71
C PHE G 124 0.96 -15.72 -39.02
N VAL G 125 -0.28 -15.50 -38.59
CA VAL G 125 -0.99 -16.40 -37.72
C VAL G 125 -2.30 -16.85 -38.36
N ALA G 126 -2.58 -18.16 -38.39
CA ALA G 126 -3.85 -18.59 -38.98
C ALA G 126 -5.01 -18.39 -37.99
N ARG G 127 -4.74 -18.73 -36.73
CA ARG G 127 -5.72 -18.69 -35.65
C ARG G 127 -5.08 -18.09 -34.43
N LEU G 128 -5.85 -17.33 -33.66
CA LEU G 128 -5.37 -16.85 -32.37
C LEU G 128 -5.61 -17.89 -31.26
N TYR G 129 -4.56 -18.22 -30.52
CA TYR G 129 -4.64 -19.25 -29.49
C TYR G 129 -5.15 -18.68 -28.15
N TYR G 130 -6.27 -19.21 -27.66
CA TYR G 130 -6.92 -18.72 -26.44
C TYR G 130 -7.05 -17.18 -26.38
N PHE G 131 -7.61 -16.59 -27.43
CA PHE G 131 -7.67 -15.12 -27.56
C PHE G 131 -8.57 -14.47 -26.53
N TRP G 132 -9.40 -15.27 -25.90
CA TRP G 132 -10.28 -14.77 -24.85
C TRP G 132 -9.65 -14.86 -23.45
N LYS G 133 -8.47 -15.45 -23.34
CA LYS G 133 -7.81 -15.64 -22.06
C LYS G 133 -6.73 -14.57 -21.83
N PRO G 134 -6.84 -13.82 -20.73
CA PRO G 134 -5.95 -12.70 -20.42
C PRO G 134 -4.47 -13.01 -20.53
N ASP G 135 -4.08 -14.22 -20.16
CA ASP G 135 -2.67 -14.59 -20.16
C ASP G 135 -2.09 -14.69 -21.55
N TYR G 136 -2.87 -15.22 -22.49
CA TYR G 136 -2.41 -15.44 -23.85
C TYR G 136 -2.55 -14.17 -24.70
N GLN G 137 -3.40 -13.25 -24.25
CA GLN G 137 -3.50 -11.95 -24.90
C GLN G 137 -2.20 -11.20 -24.69
N GLN G 138 -1.63 -11.36 -23.50
CA GLN G 138 -0.36 -10.73 -23.14
C GLN G 138 0.80 -11.20 -24.00
N ALA G 139 0.73 -12.44 -24.47
CA ALA G 139 1.80 -13.00 -25.30
C ALA G 139 1.98 -12.20 -26.58
N LEU G 140 0.85 -11.77 -27.15
CA LEU G 140 0.93 -11.02 -28.38
C LEU G 140 1.56 -9.66 -28.08
N ARG G 141 1.23 -9.11 -26.90
CA ARG G 141 1.74 -7.80 -26.48
C ARG G 141 3.26 -7.85 -26.25
N ILE G 142 3.70 -8.86 -25.52
CA ILE G 142 5.13 -9.15 -25.37
C ILE G 142 5.86 -9.19 -26.69
N LEU G 143 5.39 -10.07 -27.59
CA LEU G 143 5.98 -10.21 -28.91
C LEU G 143 6.03 -8.90 -29.67
N ALA G 144 4.93 -8.16 -29.65
CA ALA G 144 4.84 -6.90 -30.37
C ALA G 144 5.82 -5.86 -29.80
N GLU G 145 5.97 -5.86 -28.48
CA GLU G 145 6.94 -4.96 -27.82
C GLU G 145 8.34 -5.22 -28.34
N ALA G 146 8.73 -6.50 -28.43
CA ALA G 146 10.07 -6.86 -28.85
C ALA G 146 10.33 -6.59 -30.33
N GLY G 147 9.34 -6.05 -31.02
CA GLY G 147 9.50 -5.66 -32.42
C GLY G 147 9.00 -6.66 -33.44
N ALA G 148 8.47 -7.78 -32.96
CA ALA G 148 7.84 -8.76 -33.84
C ALA G 148 6.57 -8.17 -34.48
N THR G 149 6.51 -8.19 -35.80
CA THR G 149 5.29 -7.88 -36.51
C THR G 149 4.31 -9.06 -36.46
N MET G 150 3.12 -8.80 -35.94
CA MET G 150 2.06 -9.79 -35.79
C MET G 150 0.95 -9.49 -36.78
N LYS G 151 0.54 -10.51 -37.53
CA LYS G 151 -0.53 -10.34 -38.49
C LYS G 151 -1.31 -11.64 -38.56
N ILE G 152 -2.58 -11.54 -38.92
CA ILE G 152 -3.42 -12.71 -39.19
C ILE G 152 -3.27 -13.08 -40.67
N MET G 153 -3.14 -14.37 -40.96
CA MET G 153 -3.02 -14.81 -42.35
C MET G 153 -4.30 -14.52 -43.08
N ASN G 154 -4.18 -13.85 -44.21
CA ASN G 154 -5.28 -13.66 -45.18
C ASN G 154 -4.98 -14.54 -46.39
N TYR G 155 -5.90 -14.56 -47.33
CA TYR G 155 -5.80 -15.30 -48.59
C TYR G 155 -4.39 -15.37 -49.15
N ASN G 156 -3.74 -14.22 -49.32
CA ASN G 156 -2.43 -14.18 -49.91
C ASN G 156 -1.40 -14.98 -49.11
N GLU G 157 -1.52 -14.96 -47.78
CA GLU G 157 -0.54 -15.63 -46.95
C GLU G 157 -0.79 -17.13 -46.97
N PHE G 158 -2.07 -17.53 -47.05
CA PHE G 158 -2.42 -18.94 -47.11
C PHE G 158 -1.88 -19.48 -48.43
N GLN G 159 -2.02 -18.66 -49.48
CA GLN G 159 -1.59 -19.02 -50.82
C GLN G 159 -0.07 -19.12 -50.91
N ASP G 160 0.62 -18.14 -50.34
CA ASP G 160 2.08 -18.21 -50.31
C ASP G 160 2.59 -19.45 -49.54
N CYS G 161 1.94 -19.76 -48.42
CA CYS G 161 2.34 -20.87 -47.58
C CYS G 161 2.10 -22.18 -48.33
N TRP G 162 0.98 -22.24 -49.04
CA TRP G 162 0.65 -23.36 -49.90
C TRP G 162 1.73 -23.58 -50.96
N ASN G 163 2.03 -22.55 -51.76
CA ASN G 163 3.07 -22.63 -52.79
C ASN G 163 4.42 -23.05 -52.29
N LYS G 164 4.79 -22.55 -51.11
CA LYS G 164 6.15 -22.73 -50.64
C LYS G 164 6.36 -23.94 -49.73
N PHE G 165 5.31 -24.41 -49.06
CA PHE G 165 5.48 -25.38 -47.99
C PHE G 165 4.63 -26.64 -48.13
N VAL G 166 3.86 -26.72 -49.20
CA VAL G 166 2.90 -27.78 -49.31
C VAL G 166 3.13 -28.51 -50.60
N ASP G 167 2.96 -29.83 -50.59
CA ASP G 167 3.11 -30.60 -51.81
C ASP G 167 1.82 -30.56 -52.61
N GLY G 168 1.60 -29.44 -53.30
CA GLY G 168 0.38 -29.27 -54.07
C GLY G 168 0.53 -29.50 -55.56
N ARG G 169 1.67 -30.06 -55.98
CA ARG G 169 1.83 -30.57 -57.34
C ARG G 169 1.32 -29.63 -58.42
N GLY G 170 1.66 -28.35 -58.31
CA GLY G 170 1.22 -27.36 -59.27
C GLY G 170 -0.19 -26.83 -59.05
N LYS G 171 -1.05 -27.63 -58.42
CA LYS G 171 -2.44 -27.21 -58.11
C LYS G 171 -2.52 -25.84 -57.47
N PRO G 172 -3.58 -25.09 -57.80
CA PRO G 172 -3.75 -23.78 -57.15
C PRO G 172 -4.16 -23.96 -55.68
N PHE G 173 -3.73 -23.06 -54.81
CA PHE G 173 -4.36 -22.92 -53.50
C PHE G 173 -5.85 -22.68 -53.69
N LYS G 174 -6.68 -23.48 -53.03
CA LYS G 174 -8.11 -23.28 -53.08
C LYS G 174 -8.64 -22.91 -51.68
N PRO G 175 -9.31 -21.74 -51.58
CA PRO G 175 -9.82 -21.24 -50.30
C PRO G 175 -11.02 -22.01 -49.77
N TRP G 176 -10.98 -22.38 -48.50
CA TRP G 176 -12.13 -22.97 -47.84
C TRP G 176 -13.25 -21.96 -47.63
N ASN G 177 -14.38 -22.46 -47.15
CA ASN G 177 -15.53 -21.61 -46.89
C ASN G 177 -15.17 -20.57 -45.83
N ASN G 178 -15.59 -19.35 -46.07
CA ASN G 178 -15.57 -18.32 -45.05
C ASN G 178 -14.19 -17.83 -44.64
N LEU G 179 -13.19 -18.12 -45.45
CA LEU G 179 -11.83 -17.65 -45.16
C LEU G 179 -11.77 -16.13 -44.86
N PRO G 180 -12.29 -15.26 -45.76
CA PRO G 180 -12.23 -13.82 -45.44
C PRO G 180 -13.07 -13.41 -44.23
N LYS G 181 -14.15 -14.13 -43.98
CA LYS G 181 -15.02 -13.79 -42.86
C LYS G 181 -14.29 -14.08 -41.54
N HIS G 182 -13.67 -15.25 -41.44
CA HIS G 182 -12.88 -15.60 -40.27
C HIS G 182 -11.76 -14.58 -40.13
N TYR G 183 -11.16 -14.21 -41.26
CA TYR G 183 -10.06 -13.26 -41.26
C TYR G 183 -10.47 -11.95 -40.58
N THR G 184 -11.62 -11.42 -40.99
CA THR G 184 -12.13 -10.17 -40.42
C THR G 184 -12.26 -10.24 -38.91
N LEU G 185 -12.90 -11.29 -38.41
CA LEU G 185 -13.00 -11.49 -36.97
C LEU G 185 -11.64 -11.49 -36.30
N LEU G 186 -10.68 -12.24 -36.86
CA LEU G 186 -9.40 -12.45 -36.19
C LEU G 186 -8.52 -11.21 -36.23
N GLN G 187 -8.50 -10.53 -37.39
CA GLN G 187 -7.66 -9.34 -37.54
C GLN G 187 -8.13 -8.22 -36.62
N ALA G 188 -9.45 -8.05 -36.50
CA ALA G 188 -10.04 -7.08 -35.58
C ALA G 188 -9.65 -7.44 -34.13
N THR G 189 -9.74 -8.72 -33.80
CA THR G 189 -9.36 -9.16 -32.46
C THR G 189 -7.89 -8.90 -32.17
N LEU G 190 -7.01 -9.21 -33.12
CA LEU G 190 -5.59 -8.95 -32.96
C LEU G 190 -5.36 -7.45 -32.74
N GLY G 191 -5.95 -6.63 -33.61
CA GLY G 191 -5.84 -5.18 -33.48
C GLY G 191 -6.33 -4.69 -32.13
N GLU G 192 -7.43 -5.25 -31.66
CA GLU G 192 -7.94 -4.90 -30.33
C GLU G 192 -6.95 -5.28 -29.21
N LEU G 193 -6.35 -6.45 -29.30
CA LEU G 193 -5.45 -6.89 -28.23
C LEU G 193 -4.11 -6.14 -28.22
N LEU G 194 -3.72 -5.56 -29.34
CA LEU G 194 -2.47 -4.80 -29.42
C LEU G 194 -2.68 -3.27 -29.29
N ARG G 195 -3.90 -2.85 -29.03
CA ARG G 195 -4.20 -1.42 -28.87
C ARG G 195 -3.57 -0.83 -27.60
N HIS G 196 -3.15 0.43 -27.70
CA HIS G 196 -2.61 1.19 -26.56
C HIS G 196 -1.48 0.45 -25.85
N MET H 6 -42.40 -6.10 -2.30
CA MET H 6 -42.96 -5.92 -3.62
C MET H 6 -42.46 -4.65 -4.31
N LYS H 7 -41.69 -4.85 -5.38
CA LYS H 7 -41.21 -3.77 -6.23
C LYS H 7 -41.77 -3.95 -7.64
N PRO H 8 -41.90 -2.85 -8.40
CA PRO H 8 -42.27 -2.97 -9.82
C PRO H 8 -41.16 -3.62 -10.68
N GLN H 9 -41.40 -4.85 -11.12
CA GLN H 9 -40.44 -5.58 -11.96
C GLN H 9 -40.72 -5.42 -13.46
N ILE H 10 -39.63 -5.26 -14.23
CA ILE H 10 -39.69 -5.13 -15.67
C ILE H 10 -40.42 -6.32 -16.29
N ARG H 11 -40.24 -7.48 -15.68
CA ARG H 11 -40.84 -8.71 -16.15
C ARG H 11 -42.37 -8.62 -16.19
N ASN H 12 -42.94 -7.79 -15.32
CA ASN H 12 -44.39 -7.63 -15.28
C ASN H 12 -44.88 -6.69 -16.38
N MET H 13 -43.97 -5.92 -16.95
CA MET H 13 -44.34 -4.93 -17.94
C MET H 13 -44.37 -5.45 -19.37
N VAL H 14 -44.02 -6.71 -19.57
CA VAL H 14 -43.87 -7.24 -20.92
C VAL H 14 -44.51 -8.60 -21.09
N GLU H 15 -44.63 -9.04 -22.33
CA GLU H 15 -44.95 -10.42 -22.63
C GLU H 15 -43.65 -11.18 -22.86
N PRO H 16 -43.15 -11.86 -21.81
CA PRO H 16 -41.80 -12.47 -21.78
C PRO H 16 -41.65 -13.61 -22.76
N MET H 17 -40.49 -13.73 -23.41
CA MET H 17 -40.31 -14.74 -24.43
C MET H 17 -39.91 -16.08 -23.83
N ASP H 18 -40.16 -17.15 -24.58
CA ASP H 18 -39.62 -18.48 -24.33
C ASP H 18 -38.13 -18.41 -24.11
N PRO H 19 -37.60 -19.28 -23.25
CA PRO H 19 -36.15 -19.48 -23.14
C PRO H 19 -35.57 -19.87 -24.48
N ARG H 20 -36.32 -20.67 -25.24
CA ARG H 20 -35.89 -21.11 -26.56
C ARG H 20 -35.77 -19.96 -27.56
N THR H 21 -36.76 -19.07 -27.59
CA THR H 21 -36.73 -17.93 -28.48
C THR H 21 -35.52 -17.06 -28.15
N PHE H 22 -35.15 -17.06 -26.86
CA PHE H 22 -34.05 -16.23 -26.38
C PHE H 22 -32.68 -16.76 -26.85
N VAL H 23 -32.41 -18.05 -26.64
CA VAL H 23 -31.04 -18.56 -26.81
C VAL H 23 -30.77 -19.34 -28.09
N SER H 24 -31.80 -19.69 -28.84
CA SER H 24 -31.64 -20.64 -29.94
C SER H 24 -30.70 -20.14 -31.05
N ASN H 25 -30.54 -18.83 -31.16
CA ASN H 25 -29.66 -18.29 -32.20
C ASN H 25 -28.17 -18.46 -31.88
N PHE H 26 -27.84 -18.62 -30.61
CA PHE H 26 -26.44 -18.50 -30.16
C PHE H 26 -25.92 -19.77 -29.55
N ASN H 27 -26.81 -20.46 -28.86
CA ASN H 27 -26.48 -21.66 -28.10
C ASN H 27 -25.93 -22.76 -28.99
N ASN H 28 -24.62 -23.02 -28.85
CA ASN H 28 -23.93 -24.04 -29.64
C ASN H 28 -24.15 -23.84 -31.14
N ARG H 29 -23.90 -22.61 -31.59
CA ARG H 29 -23.97 -22.27 -33.00
C ARG H 29 -22.89 -21.22 -33.29
N PRO H 30 -22.02 -21.51 -34.27
CA PRO H 30 -20.92 -20.58 -34.64
C PRO H 30 -21.44 -19.22 -35.09
N ILE H 31 -20.61 -18.18 -34.96
CA ILE H 31 -21.00 -16.80 -35.28
C ILE H 31 -21.60 -16.69 -36.68
N LEU H 32 -21.04 -17.45 -37.61
CA LEU H 32 -21.53 -17.50 -38.97
C LEU H 32 -22.64 -18.54 -39.14
N SER H 33 -23.82 -18.25 -38.63
CA SER H 33 -24.95 -19.17 -38.76
C SER H 33 -26.17 -18.45 -39.29
N GLY H 34 -27.20 -19.23 -39.56
CA GLY H 34 -28.52 -18.71 -39.85
C GLY H 34 -29.23 -18.47 -38.53
N LEU H 35 -30.40 -17.85 -38.61
CA LEU H 35 -31.12 -17.38 -37.43
C LEU H 35 -32.45 -18.13 -37.31
N ASP H 36 -32.93 -18.37 -36.09
CA ASP H 36 -34.27 -18.94 -35.88
C ASP H 36 -35.29 -17.84 -35.53
N THR H 37 -34.85 -16.86 -34.73
CA THR H 37 -35.70 -15.78 -34.27
C THR H 37 -34.98 -14.43 -34.33
N VAL H 38 -35.77 -13.36 -34.32
CA VAL H 38 -35.24 -12.02 -34.19
C VAL H 38 -35.97 -11.35 -33.04
N TRP H 39 -35.25 -10.79 -32.07
CA TRP H 39 -35.91 -10.05 -31.00
C TRP H 39 -35.21 -8.75 -30.66
N LEU H 40 -35.99 -7.86 -30.06
CA LEU H 40 -35.51 -6.59 -29.57
C LEU H 40 -36.23 -6.34 -28.26
N CYS H 41 -35.47 -6.32 -27.16
CA CYS H 41 -36.02 -5.99 -25.85
C CYS H 41 -35.63 -4.58 -25.53
N CYS H 42 -36.62 -3.72 -25.22
CA CYS H 42 -36.26 -2.34 -24.92
C CYS H 42 -36.73 -1.88 -23.55
N GLU H 43 -36.04 -0.88 -23.05
CA GLU H 43 -36.30 -0.38 -21.73
C GLU H 43 -36.23 1.12 -21.83
N VAL H 44 -37.20 1.81 -21.22
CA VAL H 44 -37.19 3.27 -21.17
C VAL H 44 -36.98 3.78 -19.73
N LYS H 45 -36.08 4.75 -19.58
CA LYS H 45 -35.79 5.31 -18.28
C LYS H 45 -35.67 6.82 -18.40
N THR H 46 -35.66 7.47 -17.25
CA THR H 46 -35.38 8.91 -17.18
C THR H 46 -33.86 9.13 -17.14
N LYS H 47 -33.46 10.39 -17.33
CA LYS H 47 -32.06 10.79 -17.17
C LYS H 47 -31.43 10.15 -15.93
N ASP H 48 -32.20 10.10 -14.84
CA ASP H 48 -31.78 9.46 -13.60
C ASP H 48 -31.83 7.95 -13.72
N PRO H 49 -30.66 7.30 -13.74
CA PRO H 49 -30.60 5.83 -13.77
C PRO H 49 -30.89 5.27 -12.38
N SER H 50 -31.56 6.08 -11.57
CA SER H 50 -31.68 5.83 -10.14
C SER H 50 -32.71 4.76 -9.80
N GLY H 51 -32.95 3.84 -10.74
CA GLY H 51 -33.87 2.74 -10.51
C GLY H 51 -35.38 2.93 -10.72
N PRO H 52 -35.81 3.94 -11.49
CA PRO H 52 -37.22 3.80 -11.85
C PRO H 52 -37.33 3.33 -13.29
N PRO H 53 -37.61 2.04 -13.51
CA PRO H 53 -37.84 1.56 -14.87
C PRO H 53 -39.23 2.00 -15.33
N LEU H 54 -39.27 2.88 -16.31
CA LEU H 54 -40.52 3.52 -16.69
C LEU H 54 -41.41 2.58 -17.48
N ASP H 55 -40.91 2.09 -18.60
CA ASP H 55 -41.68 1.18 -19.45
C ASP H 55 -40.72 0.24 -20.19
N ALA H 56 -41.27 -0.81 -20.78
CA ALA H 56 -40.46 -1.79 -21.47
C ALA H 56 -41.33 -2.52 -22.45
N LYS H 57 -40.71 -3.12 -23.46
CA LYS H 57 -41.46 -3.85 -24.47
C LYS H 57 -40.56 -4.76 -25.29
N ILE H 58 -41.13 -5.88 -25.70
CA ILE H 58 -40.41 -6.89 -26.46
C ILE H 58 -40.97 -6.95 -27.86
N PHE H 59 -40.10 -6.85 -28.85
CA PHE H 59 -40.51 -7.03 -30.22
C PHE H 59 -39.82 -8.29 -30.71
N GLN H 60 -40.61 -9.31 -30.99
CA GLN H 60 -40.06 -10.60 -31.37
C GLN H 60 -40.80 -11.14 -32.58
N GLY H 61 -40.17 -12.07 -33.27
CA GLY H 61 -40.81 -12.76 -34.39
C GLY H 61 -39.90 -13.84 -34.91
N LYS H 62 -40.48 -14.83 -35.58
CA LYS H 62 -39.70 -15.80 -36.33
C LYS H 62 -39.00 -15.09 -37.50
N VAL H 63 -37.88 -15.65 -37.95
CA VAL H 63 -36.88 -14.86 -38.67
C VAL H 63 -37.22 -14.32 -40.03
N TYR H 64 -36.48 -13.26 -40.33
CA TYR H 64 -36.53 -12.55 -41.59
C TYR H 64 -37.90 -11.96 -41.83
N PRO H 65 -38.29 -11.00 -40.98
CA PRO H 65 -39.42 -10.18 -41.41
C PRO H 65 -38.94 -9.24 -42.53
N LYS H 66 -39.85 -8.65 -43.31
CA LYS H 66 -39.44 -7.70 -44.34
C LYS H 66 -39.16 -6.38 -43.66
N ALA H 67 -38.49 -5.47 -44.36
CA ALA H 67 -37.98 -4.21 -43.82
C ALA H 67 -38.91 -3.47 -42.80
N LYS H 68 -40.19 -3.32 -43.17
CA LYS H 68 -41.18 -2.61 -42.35
C LYS H 68 -41.41 -3.21 -40.95
N TYR H 69 -41.18 -4.51 -40.81
CA TYR H 69 -41.48 -5.20 -39.56
C TYR H 69 -40.24 -5.66 -38.86
N HIS H 70 -39.08 -5.14 -39.27
CA HIS H 70 -37.88 -5.37 -38.48
C HIS H 70 -38.17 -4.84 -37.11
N PRO H 71 -37.69 -5.53 -36.07
CA PRO H 71 -38.00 -5.09 -34.69
C PRO H 71 -37.63 -3.62 -34.47
N GLU H 72 -36.56 -3.15 -35.11
CA GLU H 72 -36.15 -1.78 -34.96
C GLU H 72 -37.23 -0.80 -35.39
N MET H 73 -37.91 -1.11 -36.49
CA MET H 73 -38.97 -0.25 -37.02
C MET H 73 -40.24 -0.34 -36.18
N ARG H 74 -40.54 -1.54 -35.69
CA ARG H 74 -41.68 -1.75 -34.83
C ARG H 74 -41.46 -0.88 -33.58
N PHE H 75 -40.25 -0.93 -33.04
CA PHE H 75 -39.91 -0.05 -31.92
C PHE H 75 -40.14 1.44 -32.21
N LEU H 76 -39.70 1.91 -33.38
CA LEU H 76 -39.85 3.33 -33.70
C LEU H 76 -41.32 3.76 -33.75
N ARG H 77 -42.18 2.92 -34.32
CA ARG H 77 -43.59 3.27 -34.37
C ARG H 77 -44.15 3.32 -32.93
N TRP H 78 -43.87 2.28 -32.15
CA TRP H 78 -44.32 2.23 -30.77
C TRP H 78 -43.79 3.40 -29.95
N PHE H 79 -42.51 3.74 -30.10
CA PHE H 79 -41.93 4.73 -29.21
C PHE H 79 -42.30 6.14 -29.64
N HIS H 80 -42.66 6.32 -30.90
CA HIS H 80 -43.06 7.65 -31.37
C HIS H 80 -44.40 8.05 -30.73
N LYS H 81 -45.33 7.11 -30.68
CA LYS H 81 -46.60 7.35 -30.03
C LYS H 81 -46.42 7.43 -28.50
N TRP H 82 -45.63 6.52 -27.94
CA TRP H 82 -45.31 6.52 -26.51
C TRP H 82 -44.86 7.89 -26.03
N ARG H 83 -43.98 8.53 -26.80
CA ARG H 83 -43.48 9.85 -26.45
C ARG H 83 -44.59 10.91 -26.36
N GLN H 84 -45.66 10.71 -27.14
CA GLN H 84 -46.79 11.65 -27.17
C GLN H 84 -47.83 11.37 -26.10
N LEU H 85 -47.79 10.18 -25.49
CA LEU H 85 -48.72 9.83 -24.44
C LEU H 85 -48.03 9.86 -23.08
N HIS H 86 -46.89 10.56 -23.02
CA HIS H 86 -46.12 10.66 -21.79
C HIS H 86 -45.56 12.04 -21.60
N HIS H 87 -45.25 12.35 -20.34
CA HIS H 87 -44.71 13.63 -19.93
C HIS H 87 -43.45 13.92 -20.72
N ASP H 88 -43.30 15.16 -21.17
CA ASP H 88 -42.10 15.51 -21.89
C ASP H 88 -40.95 15.78 -20.91
N GLN H 89 -39.91 14.95 -20.99
CA GLN H 89 -38.65 15.15 -20.28
C GLN H 89 -37.56 14.42 -21.04
N GLU H 90 -36.41 14.20 -20.41
CA GLU H 90 -35.32 13.52 -21.09
C GLU H 90 -35.36 12.03 -20.83
N TYR H 91 -35.26 11.25 -21.90
CA TYR H 91 -35.32 9.80 -21.77
C TYR H 91 -34.08 9.09 -22.32
N LYS H 92 -33.73 7.99 -21.67
CA LYS H 92 -32.64 7.16 -22.11
C LYS H 92 -33.20 5.78 -22.42
N VAL H 93 -33.03 5.36 -23.67
CA VAL H 93 -33.54 4.06 -24.10
C VAL H 93 -32.41 3.05 -24.25
N THR H 94 -32.64 1.85 -23.70
CA THR H 94 -31.74 0.71 -23.90
C THR H 94 -32.39 -0.36 -24.78
N TRP H 95 -31.62 -0.89 -25.73
CA TRP H 95 -32.02 -2.06 -26.53
C TRP H 95 -31.16 -3.28 -26.22
N TYR H 96 -31.78 -4.44 -26.17
CA TYR H 96 -31.09 -5.69 -26.34
C TYR H 96 -31.63 -6.30 -27.62
N VAL H 97 -30.82 -6.35 -28.68
CA VAL H 97 -31.32 -6.75 -29.95
C VAL H 97 -30.50 -7.95 -30.47
N SER H 98 -31.16 -8.91 -31.10
CA SER H 98 -30.50 -10.17 -31.38
C SER H 98 -29.61 -10.11 -32.62
N TRP H 99 -29.90 -9.19 -33.54
CA TRP H 99 -29.19 -9.14 -34.81
C TRP H 99 -28.65 -7.74 -35.11
N SER H 100 -27.92 -7.64 -36.23
CA SER H 100 -27.37 -6.38 -36.74
C SER H 100 -28.43 -5.51 -37.39
N PRO H 101 -28.37 -4.20 -37.14
CA PRO H 101 -29.23 -3.24 -37.89
C PRO H 101 -28.86 -3.19 -39.36
N CYS H 102 -29.85 -3.28 -40.22
CA CYS H 102 -29.67 -3.02 -41.64
C CYS H 102 -29.58 -1.50 -41.86
N THR H 103 -29.25 -1.08 -43.06
CA THR H 103 -29.07 0.34 -43.32
C THR H 103 -30.37 1.15 -43.23
N ARG H 104 -31.47 0.56 -43.73
CA ARG H 104 -32.79 1.17 -43.62
C ARG H 104 -33.12 1.48 -42.17
N CYS H 105 -32.99 0.47 -41.32
CA CYS H 105 -33.30 0.66 -39.90
C CYS H 105 -32.37 1.70 -39.30
N ALA H 106 -31.08 1.66 -39.66
CA ALA H 106 -30.12 2.58 -39.04
C ALA H 106 -30.46 4.02 -39.41
N ASN H 107 -30.77 4.25 -40.68
CA ASN H 107 -31.19 5.58 -41.11
C ASN H 107 -32.46 6.07 -40.44
N SER H 108 -33.49 5.23 -40.37
CA SER H 108 -34.73 5.64 -39.70
C SER H 108 -34.46 5.97 -38.24
N VAL H 109 -33.57 5.21 -37.58
CA VAL H 109 -33.30 5.43 -36.17
C VAL H 109 -32.52 6.75 -35.99
N ALA H 110 -31.59 7.02 -36.90
CA ALA H 110 -30.77 8.22 -36.79
C ALA H 110 -31.61 9.48 -36.98
N THR H 111 -32.49 9.48 -37.97
CA THR H 111 -33.32 10.64 -38.26
C THR H 111 -34.20 10.86 -37.03
N PHE H 112 -34.76 9.79 -36.50
CA PHE H 112 -35.50 9.87 -35.26
C PHE H 112 -34.67 10.54 -34.14
N LEU H 113 -33.41 10.14 -34.01
CA LEU H 113 -32.60 10.67 -32.91
C LEU H 113 -32.31 12.16 -33.08
N ALA H 114 -32.34 12.60 -34.33
CA ALA H 114 -32.11 14.00 -34.65
C ALA H 114 -33.34 14.86 -34.32
N LYS H 115 -34.53 14.40 -34.72
CA LYS H 115 -35.78 15.09 -34.41
C LYS H 115 -36.17 15.06 -32.92
N ASP H 116 -35.52 14.20 -32.15
CA ASP H 116 -35.86 14.06 -30.75
C ASP H 116 -34.60 13.93 -29.90
N PRO H 117 -33.87 15.05 -29.73
CA PRO H 117 -32.57 15.06 -29.05
C PRO H 117 -32.67 14.86 -27.54
N LYS H 118 -33.88 14.84 -27.01
CA LYS H 118 -34.06 14.59 -25.58
C LYS H 118 -34.04 13.10 -25.28
N VAL H 119 -33.87 12.30 -26.33
CA VAL H 119 -33.73 10.85 -26.20
C VAL H 119 -32.33 10.39 -26.56
N THR H 120 -31.72 9.61 -25.69
CA THR H 120 -30.46 8.96 -26.04
C THR H 120 -30.69 7.44 -26.07
N LEU H 121 -29.97 6.76 -26.96
CA LEU H 121 -30.15 5.33 -27.20
C LEU H 121 -28.84 4.54 -27.00
N THR H 122 -28.93 3.50 -26.21
CA THR H 122 -27.86 2.55 -26.01
C THR H 122 -28.28 1.24 -26.61
N ILE H 123 -27.46 0.68 -27.51
CA ILE H 123 -27.81 -0.58 -28.17
C ILE H 123 -26.84 -1.71 -27.82
N PHE H 124 -27.37 -2.80 -27.26
CA PHE H 124 -26.61 -4.02 -27.04
C PHE H 124 -27.00 -5.06 -28.06
N VAL H 125 -26.01 -5.57 -28.78
CA VAL H 125 -26.23 -6.51 -29.86
C VAL H 125 -25.73 -7.91 -29.47
N ALA H 126 -26.59 -8.91 -29.59
CA ALA H 126 -26.24 -10.29 -29.26
C ALA H 126 -25.17 -10.86 -30.22
N ARG H 127 -25.35 -10.56 -31.50
CA ARG H 127 -24.52 -11.13 -32.53
C ARG H 127 -24.56 -10.22 -33.75
N LEU H 128 -23.39 -9.94 -34.32
CA LEU H 128 -23.30 -9.23 -35.59
C LEU H 128 -23.55 -10.15 -36.78
N TYR H 129 -24.26 -9.67 -37.80
CA TYR H 129 -24.39 -10.47 -39.02
C TYR H 129 -24.09 -9.64 -40.25
N TYR H 130 -23.49 -10.29 -41.25
CA TYR H 130 -23.14 -9.66 -42.51
C TYR H 130 -22.16 -8.54 -42.27
N PHE H 131 -21.32 -8.71 -41.25
CA PHE H 131 -20.38 -7.70 -40.83
C PHE H 131 -19.28 -7.50 -41.89
N TRP H 132 -19.28 -8.35 -42.89
CA TRP H 132 -18.35 -8.23 -44.02
C TRP H 132 -19.03 -7.47 -45.16
N LYS H 133 -20.35 -7.29 -45.09
CA LYS H 133 -21.06 -6.52 -46.12
C LYS H 133 -21.07 -5.03 -45.81
N PRO H 134 -20.66 -4.21 -46.80
CA PRO H 134 -20.52 -2.74 -46.72
C PRO H 134 -21.74 -2.00 -46.14
N ASP H 135 -22.95 -2.34 -46.60
CA ASP H 135 -24.13 -1.68 -46.06
C ASP H 135 -24.27 -1.90 -44.55
N TYR H 136 -23.96 -3.12 -44.10
CA TYR H 136 -24.11 -3.43 -42.69
C TYR H 136 -23.03 -2.79 -41.83
N GLN H 137 -21.82 -2.69 -42.37
CA GLN H 137 -20.78 -1.97 -41.66
C GLN H 137 -21.18 -0.49 -41.56
N GLN H 138 -21.70 0.07 -42.66
CA GLN H 138 -22.09 1.48 -42.65
C GLN H 138 -23.25 1.79 -41.67
N ALA H 139 -24.25 0.92 -41.64
CA ALA H 139 -25.36 1.02 -40.68
C ALA H 139 -24.87 1.24 -39.25
N LEU H 140 -23.79 0.56 -38.88
CA LEU H 140 -23.24 0.73 -37.54
C LEU H 140 -22.63 2.13 -37.38
N ARG H 141 -21.96 2.60 -38.43
CA ARG H 141 -21.38 3.93 -38.36
C ARG H 141 -22.49 5.00 -38.40
N ILE H 142 -23.55 4.75 -39.16
CA ILE H 142 -24.70 5.67 -39.21
C ILE H 142 -25.33 5.86 -37.83
N LEU H 143 -25.46 4.77 -37.07
CA LEU H 143 -25.99 4.86 -35.71
C LEU H 143 -25.07 5.61 -34.74
N ALA H 144 -23.75 5.40 -34.86
CA ALA H 144 -22.79 6.06 -33.96
C ALA H 144 -22.75 7.56 -34.21
N GLU H 145 -22.71 7.91 -35.49
CA GLU H 145 -22.79 9.28 -35.94
C GLU H 145 -24.02 9.98 -35.37
N ALA H 146 -25.08 9.23 -35.06
CA ALA H 146 -26.31 9.86 -34.56
C ALA H 146 -26.35 9.88 -33.06
N GLY H 147 -25.28 9.37 -32.44
CA GLY H 147 -25.16 9.44 -30.99
C GLY H 147 -25.58 8.17 -30.25
N ALA H 148 -26.07 7.16 -30.98
CA ALA H 148 -26.37 5.89 -30.34
C ALA H 148 -25.11 5.20 -29.84
N THR H 149 -25.20 4.60 -28.66
CA THR H 149 -24.12 3.84 -28.08
C THR H 149 -24.28 2.34 -28.42
N MET H 150 -23.28 1.76 -29.08
CA MET H 150 -23.33 0.35 -29.43
C MET H 150 -22.26 -0.49 -28.76
N LYS H 151 -22.67 -1.63 -28.20
CA LYS H 151 -21.77 -2.57 -27.55
C LYS H 151 -22.30 -3.97 -27.81
N ILE H 152 -21.41 -4.95 -27.84
CA ILE H 152 -21.83 -6.35 -28.00
C ILE H 152 -22.29 -6.89 -26.63
N MET H 153 -23.29 -7.76 -26.63
CA MET H 153 -23.73 -8.36 -25.39
C MET H 153 -22.72 -9.34 -24.82
N ASN H 154 -22.34 -9.09 -23.57
CA ASN H 154 -21.48 -9.98 -22.80
C ASN H 154 -22.35 -10.77 -21.82
N TYR H 155 -21.73 -11.50 -20.91
CA TYR H 155 -22.45 -12.31 -19.93
C TYR H 155 -23.49 -11.51 -19.12
N ASN H 156 -23.04 -10.41 -18.51
CA ASN H 156 -23.92 -9.58 -17.71
C ASN H 156 -25.20 -9.17 -18.45
N GLU H 157 -25.05 -8.81 -19.71
CA GLU H 157 -26.18 -8.36 -20.49
C GLU H 157 -27.11 -9.50 -20.87
N PHE H 158 -26.57 -10.66 -21.21
CA PHE H 158 -27.44 -11.79 -21.46
C PHE H 158 -28.17 -12.11 -20.17
N GLN H 159 -27.47 -12.02 -19.04
CA GLN H 159 -28.06 -12.34 -17.75
C GLN H 159 -29.18 -11.36 -17.40
N ASP H 160 -28.89 -10.06 -17.50
CA ASP H 160 -29.89 -9.02 -17.30
C ASP H 160 -31.10 -9.20 -18.21
N CYS H 161 -30.86 -9.50 -19.47
CA CYS H 161 -31.93 -9.65 -20.42
C CYS H 161 -32.76 -10.90 -20.10
N TRP H 162 -32.11 -11.92 -19.56
CA TRP H 162 -32.81 -13.12 -19.12
C TRP H 162 -33.71 -12.85 -17.91
N ASN H 163 -33.20 -12.08 -16.95
CA ASN H 163 -33.95 -11.69 -15.76
C ASN H 163 -35.18 -10.83 -16.11
N LYS H 164 -34.96 -9.79 -16.90
CA LYS H 164 -36.01 -8.82 -17.22
C LYS H 164 -37.02 -9.28 -18.28
N PHE H 165 -36.61 -10.12 -19.22
CA PHE H 165 -37.43 -10.33 -20.41
C PHE H 165 -37.75 -11.78 -20.78
N VAL H 166 -37.21 -12.75 -20.04
CA VAL H 166 -37.45 -14.15 -20.39
C VAL H 166 -38.32 -14.86 -19.34
N ASP H 167 -39.17 -15.77 -19.79
CA ASP H 167 -39.95 -16.58 -18.87
C ASP H 167 -39.07 -17.63 -18.22
N GLY H 168 -38.32 -17.20 -17.22
CA GLY H 168 -37.31 -18.05 -16.59
C GLY H 168 -37.86 -19.01 -15.55
N ARG H 169 -39.04 -18.70 -15.01
CA ARG H 169 -39.67 -19.52 -13.98
C ARG H 169 -38.72 -19.77 -12.83
N GLY H 170 -38.08 -18.70 -12.36
CA GLY H 170 -37.13 -18.80 -11.27
C GLY H 170 -35.75 -19.30 -11.68
N LYS H 171 -35.72 -20.25 -12.61
CA LYS H 171 -34.47 -20.79 -13.17
C LYS H 171 -33.57 -19.65 -13.63
N PRO H 172 -32.26 -19.75 -13.34
CA PRO H 172 -31.29 -18.70 -13.64
C PRO H 172 -30.73 -18.79 -15.06
N PHE H 173 -29.95 -17.79 -15.45
CA PHE H 173 -29.38 -17.78 -16.79
C PHE H 173 -28.32 -18.87 -16.92
N LYS H 174 -28.46 -19.67 -17.98
CA LYS H 174 -27.57 -20.78 -18.27
C LYS H 174 -26.71 -20.55 -19.54
N PRO H 175 -25.57 -19.85 -19.38
CA PRO H 175 -24.66 -19.47 -20.48
C PRO H 175 -24.09 -20.65 -21.27
N TRP H 176 -23.94 -20.47 -22.59
CA TRP H 176 -23.31 -21.48 -23.44
C TRP H 176 -21.80 -21.29 -23.42
N ASN H 177 -21.06 -22.33 -23.78
CA ASN H 177 -19.60 -22.34 -23.66
C ASN H 177 -18.89 -21.23 -24.44
N ASN H 178 -19.33 -21.01 -25.66
CA ASN H 178 -18.66 -20.05 -26.51
C ASN H 178 -19.04 -18.59 -26.25
N LEU H 179 -19.86 -18.34 -25.24
CA LEU H 179 -20.40 -16.98 -25.04
C LEU H 179 -19.29 -15.95 -24.85
N PRO H 180 -18.32 -16.19 -23.94
CA PRO H 180 -17.33 -15.11 -23.85
C PRO H 180 -16.36 -15.07 -25.05
N LYS H 181 -16.24 -16.16 -25.78
CA LYS H 181 -15.33 -16.19 -26.91
C LYS H 181 -15.90 -15.41 -28.08
N HIS H 182 -17.17 -15.64 -28.35
CA HIS H 182 -17.94 -14.88 -29.32
C HIS H 182 -17.94 -13.40 -28.97
N TYR H 183 -18.09 -13.08 -27.69
CA TYR H 183 -18.10 -11.68 -27.29
C TYR H 183 -16.80 -10.97 -27.68
N THR H 184 -15.65 -11.57 -27.35
CA THR H 184 -14.33 -10.96 -27.63
C THR H 184 -14.13 -10.69 -29.11
N LEU H 185 -14.46 -11.69 -29.95
CA LEU H 185 -14.37 -11.54 -31.40
C LEU H 185 -15.30 -10.43 -31.93
N LEU H 186 -16.53 -10.44 -31.45
CA LEU H 186 -17.55 -9.53 -31.96
C LEU H 186 -17.33 -8.11 -31.46
N GLN H 187 -16.97 -7.95 -30.19
CA GLN H 187 -16.65 -6.63 -29.65
C GLN H 187 -15.47 -6.01 -30.39
N ALA H 188 -14.46 -6.81 -30.73
CA ALA H 188 -13.31 -6.29 -31.47
C ALA H 188 -13.69 -5.85 -32.90
N THR H 189 -14.57 -6.62 -33.52
CA THR H 189 -15.03 -6.34 -34.88
C THR H 189 -15.90 -5.07 -34.94
N LEU H 190 -16.81 -4.92 -33.98
CA LEU H 190 -17.56 -3.68 -33.81
C LEU H 190 -16.61 -2.49 -33.67
N GLY H 191 -15.67 -2.55 -32.73
CA GLY H 191 -14.73 -1.46 -32.51
C GLY H 191 -14.03 -1.08 -33.80
N GLU H 192 -13.64 -2.10 -34.56
CA GLU H 192 -12.93 -1.93 -35.81
C GLU H 192 -13.76 -1.26 -36.88
N LEU H 193 -14.99 -1.75 -37.07
CA LEU H 193 -15.90 -1.18 -38.06
C LEU H 193 -16.20 0.29 -37.73
N LEU H 194 -16.27 0.63 -36.44
CA LEU H 194 -16.62 1.99 -36.03
C LEU H 194 -15.47 2.99 -36.20
N ARG H 195 -14.24 2.54 -35.95
CA ARG H 195 -13.04 3.35 -36.08
C ARG H 195 -12.61 3.54 -37.53
N HIS H 196 -12.87 2.55 -38.39
CA HIS H 196 -12.29 2.49 -39.74
C HIS H 196 -13.28 2.55 -40.91
ZN ZN J . 4.44 -0.41 -11.92
ZN ZN K . -25.04 16.96 16.83
ZN ZN L . 20.64 6.57 8.06
ZN ZN M . 21.38 -3.15 51.70
ZN ZN N . 4.51 -22.48 -26.91
ZN ZN O . -33.61 -3.47 -40.50
#